data_4OHK
#
_entry.id   4OHK
#
_cell.length_a   149.590
_cell.length_b   149.590
_cell.length_c   132.651
_cell.angle_alpha   90.00
_cell.angle_beta   90.00
_cell.angle_gamma   120.00
#
_symmetry.space_group_name_H-M   'P 65'
#
loop_
_entity.id
_entity.type
_entity.pdbx_description
1 polymer 'Glucokinase regulatory protein'
2 non-polymer (2R)-2-{4-[(2S)-4-[(6-aminopyridin-3-yl)sulfonyl]-2-(prop-1-yn-1-yl)piperazin-1-yl]phenyl}-1,1,1-trifluorohex-4-yn-2-ol
3 non-polymer D-SORBITOL-6-PHOSPHATE
4 non-polymer 'IODIDE ION'
5 non-polymer GLYCEROL
6 non-polymer 'SULFATE ION'
7 water water
#
_entity_poly.entity_id   1
_entity_poly.type   'polypeptide(L)'
_entity_poly.pdbx_seq_one_letter_code
;MAHHHHHHDEVDMPGTKRFQHVIETPEPGKWELSGYEAAVPITEKSNPLTQDLDKADAENIVRLLGQCDAEIFQEEGQAL
STYQRLYSESILTTMVQVAGKVQEVLKEPDGGLVVLSGGGTSGRMAFLMSVSFNQLMKGLGQKPLYTYLIAGGDRSVVAS
REGTEDSALHGIEELKKVAAGKKRVIVIGISVGLSAPFVAGQMDCCMNNTAVFLPVLVGFNPVSMARNDPIEDWSSTFRQ
VAERMQKMQEKQKAFVLNPAIGPEGLSGSSRMKGGSATKILLETLLLAAHKTVDQGIAASQRCLLEILRTFERAHQVTYS
QSPKIATLMKSVSTSLEKKGHVYLVGWQTLGIIAIMDGVECIHTFGADFRDVRGFLIGDHSDMFNQKAELTNQGPQFTFS
QEDFLTSILPSLTEIDTVVFIFTLDDNLTEVQTIVEQVKEKTNHIQALAHSTVGQTLPIPLKKLFPSIISITWPLLFFEY
EGNFIQKFQRELSTKWVLNTVSTGAHVLLGKILQNHMLDLRISNSKLFWRALAMLQRFSGQSKARCIESLLRAIHFPQPL
SDDIRAAPISCHVQVAHEKEQVIPIALLSLLFRCSITEAQAHLAAAPSVCEAVRSALAGPGQKRTADPLEILEPDVQG
;
_entity_poly.pdbx_strand_id   A,B
#
# COMPACT_ATOMS: atom_id res chain seq x y z
N MET A 13 -19.11 5.54 -11.89
CA MET A 13 -20.37 6.20 -11.43
C MET A 13 -20.23 6.36 -9.91
N PRO A 14 -21.02 7.27 -9.29
CA PRO A 14 -20.99 7.49 -7.83
C PRO A 14 -21.21 6.25 -6.95
N GLY A 15 -20.13 5.77 -6.35
CA GLY A 15 -20.15 4.56 -5.54
C GLY A 15 -19.12 3.53 -5.99
N THR A 16 -18.95 3.37 -7.30
CA THR A 16 -18.09 2.36 -7.87
C THR A 16 -16.74 2.25 -7.15
N LYS A 17 -16.14 3.38 -6.78
CA LYS A 17 -14.86 3.38 -6.06
C LYS A 17 -14.94 2.69 -4.68
N ARG A 18 -16.13 2.66 -4.06
CA ARG A 18 -16.26 2.06 -2.72
C ARG A 18 -16.79 0.63 -2.71
N PHE A 19 -17.59 0.25 -3.71
CA PHE A 19 -18.21 -1.07 -3.73
C PHE A 19 -17.71 -1.93 -4.89
N GLN A 20 -16.72 -1.45 -5.61
CA GLN A 20 -16.10 -2.15 -6.75
C GLN A 20 -15.66 -3.56 -6.41
N HIS A 21 -15.00 -3.72 -5.27
CA HIS A 21 -14.45 -5.01 -4.87
C HIS A 21 -15.50 -6.05 -4.48
N VAL A 22 -16.71 -5.61 -4.13
CA VAL A 22 -17.73 -6.51 -3.62
C VAL A 22 -18.15 -7.49 -4.71
N ILE A 23 -18.09 -8.79 -4.44
CA ILE A 23 -18.50 -9.78 -5.45
C ILE A 23 -20.01 -9.68 -5.66
N GLU A 24 -20.46 -9.89 -6.92
CA GLU A 24 -21.90 -9.87 -7.27
C GLU A 24 -22.59 -11.05 -6.68
N THR A 25 -23.87 -10.87 -6.36
CA THR A 25 -24.70 -11.96 -5.89
C THR A 25 -24.73 -12.98 -7.01
N PRO A 26 -24.43 -14.24 -6.70
CA PRO A 26 -24.62 -15.26 -7.74
C PRO A 26 -26.09 -15.60 -7.96
N GLU A 27 -26.40 -16.18 -9.12
CA GLU A 27 -27.75 -16.71 -9.41
C GLU A 27 -28.04 -17.95 -8.55
N PRO A 28 -29.33 -18.20 -8.24
CA PRO A 28 -29.60 -19.34 -7.35
C PRO A 28 -28.89 -20.57 -7.86
N GLY A 29 -28.45 -21.43 -6.95
CA GLY A 29 -27.86 -22.70 -7.36
C GLY A 29 -26.42 -22.63 -7.82
N LYS A 30 -25.96 -21.51 -8.40
CA LYS A 30 -24.54 -21.40 -8.83
C LYS A 30 -23.59 -20.66 -7.84
N TRP A 31 -23.98 -20.56 -6.58
CA TRP A 31 -23.15 -19.90 -5.56
C TRP A 31 -21.71 -20.44 -5.50
N GLU A 32 -21.54 -21.74 -5.69
CA GLU A 32 -20.22 -22.37 -5.79
C GLU A 32 -19.57 -22.25 -7.20
N LEU A 33 -20.35 -22.50 -8.25
CA LEU A 33 -19.86 -22.40 -9.63
C LEU A 33 -19.44 -21.00 -10.03
N SER A 34 -20.21 -20.02 -9.57
CA SER A 34 -19.82 -18.62 -9.66
C SER A 34 -18.39 -18.32 -9.17
N GLY A 35 -17.84 -19.19 -8.33
CA GLY A 35 -16.57 -18.93 -7.68
C GLY A 35 -16.73 -18.03 -6.46
N TYR A 36 -17.99 -17.75 -6.07
CA TYR A 36 -18.26 -16.77 -5.01
C TYR A 36 -17.76 -17.34 -3.69
N GLU A 37 -18.19 -18.57 -3.43
CA GLU A 37 -17.99 -19.25 -2.15
C GLU A 37 -16.51 -19.41 -1.76
N ALA A 38 -15.67 -19.67 -2.76
CA ALA A 38 -14.22 -19.80 -2.54
C ALA A 38 -13.52 -18.48 -2.17
N ALA A 39 -14.18 -17.33 -2.40
CA ALA A 39 -13.62 -16.05 -1.97
C ALA A 39 -14.12 -15.56 -0.60
N VAL A 40 -15.14 -16.20 -0.02
CA VAL A 40 -15.54 -15.87 1.33
C VAL A 40 -14.44 -16.37 2.26
N PRO A 41 -13.78 -15.47 2.99
CA PRO A 41 -12.67 -16.00 3.79
C PRO A 41 -13.17 -16.99 4.82
N ILE A 42 -12.34 -17.94 5.27
CA ILE A 42 -12.81 -19.01 6.17
C ILE A 42 -13.54 -18.38 7.33
N THR A 43 -12.94 -17.35 7.94
CA THR A 43 -13.46 -16.75 9.17
C THR A 43 -14.90 -16.27 9.05
N GLU A 44 -15.33 -15.97 7.84
CA GLU A 44 -16.66 -15.45 7.58
C GLU A 44 -17.60 -16.50 7.08
N LYS A 45 -17.06 -17.63 6.63
CA LYS A 45 -17.89 -18.73 6.15
C LYS A 45 -18.96 -19.17 7.14
N SER A 46 -19.96 -19.85 6.58
CA SER A 46 -21.02 -20.51 7.33
C SER A 46 -20.55 -21.91 7.58
N ASN A 47 -20.41 -22.27 8.84
CA ASN A 47 -20.03 -23.64 9.18
C ASN A 47 -21.21 -24.59 8.87
N PRO A 48 -20.95 -25.61 8.04
CA PRO A 48 -21.99 -26.61 7.69
C PRO A 48 -22.56 -27.39 8.91
N LEU A 49 -21.70 -27.76 9.85
CA LEU A 49 -22.22 -28.34 11.08
C LEU A 49 -23.33 -27.49 11.74
N THR A 50 -23.26 -26.17 11.65
CA THR A 50 -24.24 -25.30 12.30
C THR A 50 -25.34 -24.76 11.40
N GLN A 51 -25.61 -25.42 10.26
CA GLN A 51 -26.74 -25.04 9.37
C GLN A 51 -27.94 -24.61 10.19
N ASP A 52 -28.35 -25.46 11.13
CA ASP A 52 -29.64 -25.35 11.84
C ASP A 52 -29.48 -25.03 13.31
N LEU A 53 -28.42 -24.29 13.64
CA LEU A 53 -28.15 -23.97 15.02
C LEU A 53 -29.37 -23.33 15.71
N ASP A 54 -30.21 -22.66 14.92
CA ASP A 54 -31.41 -21.99 15.43
C ASP A 54 -32.56 -22.96 15.79
N LYS A 55 -32.40 -24.25 15.46
CA LYS A 55 -33.35 -25.29 15.83
C LYS A 55 -32.70 -26.41 16.72
N ALA A 56 -31.45 -26.26 17.03
CA ALA A 56 -30.84 -27.14 17.99
C ALA A 56 -31.37 -26.75 19.35
N ASP A 57 -31.59 -27.74 20.22
CA ASP A 57 -31.82 -27.48 21.65
C ASP A 57 -30.46 -27.38 22.39
N ALA A 58 -30.50 -26.93 23.64
CA ALA A 58 -29.29 -26.66 24.39
C ALA A 58 -28.27 -27.79 24.36
N GLU A 59 -28.75 -29.02 24.19
CA GLU A 59 -27.87 -30.20 24.16
C GLU A 59 -27.18 -30.34 22.78
N ASN A 60 -27.93 -30.16 21.69
CA ASN A 60 -27.32 -30.08 20.36
C ASN A 60 -26.33 -28.89 20.19
N ILE A 61 -26.67 -27.74 20.76
CA ILE A 61 -25.83 -26.56 20.67
C ILE A 61 -24.44 -26.79 21.27
N VAL A 62 -24.41 -27.36 22.47
CA VAL A 62 -23.14 -27.74 23.12
C VAL A 62 -22.39 -28.81 22.31
N ARG A 63 -23.14 -29.69 21.66
CA ARG A 63 -22.48 -30.67 20.84
C ARG A 63 -21.83 -29.97 19.64
N LEU A 64 -22.63 -29.24 18.87
CA LEU A 64 -22.17 -28.68 17.61
C LEU A 64 -21.04 -27.68 17.81
N LEU A 65 -21.12 -26.86 18.86
CA LEU A 65 -20.05 -25.90 19.17
C LEU A 65 -18.79 -26.59 19.62
N GLY A 66 -18.96 -27.52 20.56
CA GLY A 66 -17.87 -28.39 20.99
C GLY A 66 -17.25 -29.13 19.82
N GLN A 67 -18.09 -29.47 18.85
CA GLN A 67 -17.60 -30.01 17.60
C GLN A 67 -16.78 -28.96 16.85
N CYS A 68 -17.41 -27.84 16.50
CA CYS A 68 -16.72 -26.70 15.88
C CYS A 68 -15.32 -26.44 16.53
N ASP A 69 -15.29 -26.27 17.85
CA ASP A 69 -14.03 -26.08 18.60
C ASP A 69 -12.99 -27.16 18.30
N ALA A 70 -13.43 -28.40 18.25
CA ALA A 70 -12.53 -29.49 17.84
C ALA A 70 -11.77 -29.23 16.51
N GLU A 71 -12.38 -28.53 15.56
CA GLU A 71 -11.75 -28.30 14.25
C GLU A 71 -10.44 -27.51 14.34
N ILE A 72 -10.19 -26.91 15.49
CA ILE A 72 -8.89 -26.28 15.71
C ILE A 72 -7.78 -27.32 15.57
N PHE A 73 -8.06 -28.55 16.00
CA PHE A 73 -7.08 -29.61 16.16
C PHE A 73 -7.10 -30.69 15.05
N GLN A 74 -8.01 -30.54 14.09
CA GLN A 74 -8.01 -31.36 12.90
C GLN A 74 -6.71 -31.17 12.10
N GLU A 75 -6.29 -32.25 11.43
CA GLU A 75 -5.09 -32.26 10.60
C GLU A 75 -5.47 -31.99 9.16
N GLU A 76 -4.45 -31.63 8.38
CA GLU A 76 -4.58 -31.36 6.96
C GLU A 76 -4.79 -32.69 6.24
N GLY A 77 -5.85 -32.78 5.43
CA GLY A 77 -6.01 -33.86 4.47
C GLY A 77 -5.05 -33.73 3.29
N GLN A 78 -5.33 -34.49 2.23
CA GLN A 78 -4.49 -34.55 1.02
C GLN A 78 -4.93 -33.53 -0.05
N SER A 81 -4.69 -31.17 -2.14
CA SER A 81 -5.08 -29.77 -2.38
C SER A 81 -6.03 -29.18 -1.28
N THR A 82 -5.43 -28.47 -0.33
CA THR A 82 -6.10 -28.11 0.93
C THR A 82 -5.26 -27.08 1.67
N TYR A 83 -5.86 -26.35 2.61
CA TYR A 83 -5.14 -25.31 3.37
C TYR A 83 -4.37 -25.86 4.58
N GLN A 84 -3.19 -25.31 4.83
CA GLN A 84 -2.41 -25.66 6.01
C GLN A 84 -3.27 -25.51 7.30
N ARG A 85 -3.17 -26.51 8.18
CA ARG A 85 -3.76 -26.44 9.50
C ARG A 85 -2.69 -26.42 10.62
N LEU A 86 -3.17 -26.43 11.86
CA LEU A 86 -2.30 -26.16 13.01
C LEU A 86 -1.24 -27.21 13.18
N TYR A 87 -1.63 -28.48 12.95
CA TYR A 87 -0.70 -29.63 13.03
C TYR A 87 0.12 -29.91 11.77
N SER A 88 0.06 -29.02 10.78
CA SER A 88 0.83 -29.21 9.59
C SER A 88 2.22 -28.70 9.83
N GLU A 89 3.12 -29.19 9.00
CA GLU A 89 4.54 -29.05 9.20
C GLU A 89 5.02 -27.61 8.94
N SER A 90 4.41 -26.95 7.98
CA SER A 90 4.79 -25.58 7.68
C SER A 90 4.45 -24.67 8.87
N ILE A 91 3.28 -24.92 9.49
CA ILE A 91 2.93 -24.17 10.67
C ILE A 91 3.87 -24.44 11.83
N LEU A 92 4.17 -25.73 12.13
CA LEU A 92 4.98 -26.06 13.31
C LEU A 92 6.38 -25.51 13.11
N THR A 93 6.89 -25.71 11.93
CA THR A 93 8.16 -25.11 11.51
C THR A 93 8.20 -23.60 11.75
N THR A 94 7.12 -22.87 11.43
CA THR A 94 7.09 -21.41 11.64
C THR A 94 7.03 -21.09 13.15
N MET A 95 6.21 -21.84 13.86
CA MET A 95 6.17 -21.73 15.30
C MET A 95 7.56 -21.91 15.93
N VAL A 96 8.34 -22.86 15.43
CA VAL A 96 9.69 -23.08 15.96
C VAL A 96 10.61 -21.90 15.68
N GLN A 97 10.66 -21.47 14.42
CA GLN A 97 11.46 -20.31 14.02
C GLN A 97 11.10 -19.03 14.79
N VAL A 98 9.81 -18.84 15.07
CA VAL A 98 9.38 -17.68 15.84
C VAL A 98 9.82 -17.86 17.29
N ALA A 99 9.42 -18.96 17.93
CA ALA A 99 9.96 -19.30 19.25
C ALA A 99 11.46 -18.98 19.25
N GLY A 100 12.14 -19.40 18.19
CA GLY A 100 13.54 -19.10 17.98
C GLY A 100 13.84 -17.62 18.17
N LYS A 101 13.16 -16.77 17.40
CA LYS A 101 13.38 -15.31 17.45
C LYS A 101 13.04 -14.68 18.79
N VAL A 102 12.05 -15.27 19.50
CA VAL A 102 11.77 -14.88 20.90
C VAL A 102 12.97 -15.19 21.84
N GLN A 103 13.71 -16.27 21.56
CA GLN A 103 14.92 -16.53 22.31
C GLN A 103 15.97 -15.39 22.16
N GLU A 104 16.39 -15.01 20.95
CA GLU A 104 17.36 -13.89 20.79
C GLU A 104 17.03 -12.70 21.71
N VAL A 105 15.75 -12.39 21.88
CA VAL A 105 15.30 -11.28 22.72
C VAL A 105 15.40 -11.57 24.23
N LEU A 106 15.16 -12.83 24.61
CA LEU A 106 15.31 -13.21 26.02
C LEU A 106 16.79 -13.22 26.43
N LYS A 107 17.67 -13.51 25.48
CA LYS A 107 19.13 -13.47 25.69
C LYS A 107 19.65 -12.04 25.82
N GLU A 108 18.78 -11.05 25.67
CA GLU A 108 19.22 -9.69 25.53
C GLU A 108 18.11 -8.76 25.96
N PRO A 109 17.66 -8.89 27.21
CA PRO A 109 16.57 -8.03 27.75
C PRO A 109 16.81 -6.52 27.73
N ASP A 110 18.07 -6.08 27.70
CA ASP A 110 18.39 -4.64 27.63
C ASP A 110 18.26 -4.08 26.21
N GLY A 111 17.11 -3.50 25.93
CA GLY A 111 16.80 -3.00 24.58
C GLY A 111 15.64 -3.74 23.95
N GLY A 112 15.27 -4.87 24.58
CA GLY A 112 14.35 -5.80 24.00
C GLY A 112 12.95 -5.56 24.49
N LEU A 113 11.97 -5.88 23.64
CA LEU A 113 10.55 -5.83 24.00
C LEU A 113 9.79 -6.85 23.16
N VAL A 114 8.68 -7.38 23.69
CA VAL A 114 7.80 -8.24 22.91
C VAL A 114 6.38 -7.73 22.95
N VAL A 115 5.79 -7.40 21.79
CA VAL A 115 4.46 -6.80 21.74
C VAL A 115 3.38 -7.68 21.14
N LEU A 116 2.28 -7.81 21.85
CA LEU A 116 1.11 -8.58 21.43
C LEU A 116 -0.13 -7.69 21.21
N SER A 117 -0.59 -7.61 19.97
CA SER A 117 -1.43 -6.50 19.54
C SER A 117 -2.62 -6.98 18.78
N GLY A 118 -3.78 -6.45 19.08
CA GLY A 118 -4.97 -6.88 18.38
C GLY A 118 -6.11 -5.95 18.64
N GLY A 119 -7.11 -6.00 17.77
CA GLY A 119 -8.36 -5.29 18.01
C GLY A 119 -9.29 -6.27 18.65
N GLY A 120 -10.21 -5.79 19.49
CA GLY A 120 -11.28 -6.62 20.03
C GLY A 120 -10.70 -7.80 20.78
N THR A 121 -11.34 -8.97 20.58
CA THR A 121 -10.98 -10.16 21.30
C THR A 121 -9.55 -10.56 21.02
N SER A 122 -9.00 -10.16 19.88
CA SER A 122 -7.58 -10.39 19.64
C SER A 122 -6.77 -9.55 20.58
N GLY A 123 -7.21 -8.31 20.79
CA GLY A 123 -6.56 -7.47 21.81
C GLY A 123 -6.79 -7.98 23.22
N ARG A 124 -7.96 -8.55 23.49
CA ARG A 124 -8.19 -9.16 24.76
C ARG A 124 -7.24 -10.33 25.04
N MET A 125 -7.11 -11.23 24.07
CA MET A 125 -6.23 -12.38 24.26
C MET A 125 -4.81 -11.91 24.42
N ALA A 126 -4.44 -10.88 23.68
CA ALA A 126 -3.09 -10.32 23.76
C ALA A 126 -2.69 -9.91 25.17
N PHE A 127 -3.60 -9.18 25.82
CA PHE A 127 -3.42 -8.68 27.17
C PHE A 127 -3.14 -9.84 28.17
N LEU A 128 -4.12 -10.75 28.32
CA LEU A 128 -3.96 -11.96 29.12
C LEU A 128 -2.60 -12.63 28.96
N MET A 129 -2.21 -12.93 27.72
CA MET A 129 -0.94 -13.57 27.50
C MET A 129 0.23 -12.70 27.91
N SER A 130 0.24 -11.39 27.58
CA SER A 130 1.30 -10.47 28.02
C SER A 130 1.51 -10.51 29.55
N VAL A 131 0.42 -10.71 30.30
CA VAL A 131 0.50 -10.89 31.76
C VAL A 131 1.15 -12.23 32.15
N SER A 132 0.50 -13.31 31.78
CA SER A 132 1.04 -14.64 32.04
C SER A 132 2.54 -14.75 31.84
N PHE A 133 3.09 -14.20 30.75
CA PHE A 133 4.51 -14.32 30.47
C PHE A 133 5.34 -13.30 31.21
N ASN A 134 4.68 -12.22 31.64
CA ASN A 134 5.30 -11.28 32.59
C ASN A 134 5.43 -11.96 33.95
N GLN A 135 4.34 -12.57 34.42
CA GLN A 135 4.41 -13.40 35.61
C GLN A 135 5.61 -14.38 35.46
N LEU A 136 5.58 -15.23 34.44
CA LEU A 136 6.65 -16.21 34.22
C LEU A 136 8.09 -15.66 34.38
N MET A 137 8.30 -14.41 34.04
CA MET A 137 9.61 -13.79 34.18
C MET A 137 9.73 -13.14 35.56
N LYS A 138 8.61 -12.77 36.17
CA LYS A 138 8.61 -12.34 37.57
C LYS A 138 9.02 -13.51 38.48
N GLY A 139 8.29 -14.63 38.40
CA GLY A 139 8.68 -15.87 39.07
C GLY A 139 10.13 -16.30 38.91
N LEU A 140 10.85 -15.82 37.90
CA LEU A 140 12.27 -16.08 37.72
C LEU A 140 13.17 -14.85 38.02
N GLY A 141 12.55 -13.78 38.55
CA GLY A 141 13.27 -12.53 38.82
C GLY A 141 13.93 -11.92 37.61
N GLN A 142 13.25 -12.03 36.46
CA GLN A 142 13.65 -11.41 35.20
C GLN A 142 12.82 -10.15 34.94
N LYS A 143 13.41 -9.22 34.18
CA LYS A 143 12.70 -8.00 33.80
C LYS A 143 11.58 -8.47 32.88
N PRO A 144 10.33 -8.06 33.14
CA PRO A 144 9.25 -8.34 32.15
C PRO A 144 9.53 -7.69 30.79
N LEU A 145 9.32 -8.47 29.73
CA LEU A 145 9.55 -8.00 28.35
C LEU A 145 8.29 -7.96 27.49
N TYR A 146 7.19 -8.51 27.98
CA TYR A 146 5.98 -8.56 27.22
C TYR A 146 5.23 -7.31 27.51
N THR A 147 4.40 -6.94 26.54
CA THR A 147 3.43 -5.90 26.68
C THR A 147 2.29 -6.16 25.70
N TYR A 148 1.28 -5.30 25.68
CA TYR A 148 0.19 -5.47 24.72
C TYR A 148 -0.29 -4.14 24.17
N LEU A 149 -0.94 -4.23 23.02
CA LEU A 149 -1.59 -3.07 22.44
C LEU A 149 -2.95 -3.54 22.07
N ILE A 150 -3.96 -2.80 22.51
CA ILE A 150 -5.34 -3.04 22.05
C ILE A 150 -6.02 -1.79 21.41
N ALA A 151 -6.60 -2.03 20.23
CA ALA A 151 -7.56 -1.12 19.60
C ALA A 151 -8.40 -0.35 20.61
N GLY A 152 -8.00 0.89 20.84
CA GLY A 152 -8.76 1.86 21.59
C GLY A 152 -8.12 2.14 22.93
N GLY A 153 -6.87 1.72 23.11
CA GLY A 153 -6.16 1.85 24.37
C GLY A 153 -6.69 0.89 25.42
N ASP A 154 -6.06 0.92 26.58
CA ASP A 154 -6.29 -0.07 27.65
C ASP A 154 -7.71 -0.14 28.15
N ARG A 155 -8.46 0.95 28.07
CA ARG A 155 -9.86 0.84 28.39
C ARG A 155 -10.50 -0.27 27.53
N SER A 156 -10.00 -0.46 26.31
CA SER A 156 -10.63 -1.42 25.40
C SER A 156 -10.66 -2.86 25.88
N VAL A 157 -9.74 -3.23 26.79
CA VAL A 157 -9.59 -4.61 27.25
C VAL A 157 -10.92 -5.20 27.71
N VAL A 158 -11.60 -4.50 28.60
CA VAL A 158 -12.86 -4.97 29.22
C VAL A 158 -14.11 -4.27 28.66
N ALA A 159 -13.94 -3.46 27.62
CA ALA A 159 -15.06 -2.75 27.01
C ALA A 159 -15.46 -3.28 25.64
N SER A 160 -16.72 -3.03 25.29
CA SER A 160 -17.22 -3.17 23.92
C SER A 160 -16.94 -1.91 23.17
N ARG A 161 -15.97 -1.96 22.27
CA ARG A 161 -15.59 -0.79 21.53
C ARG A 161 -15.24 -1.14 20.08
N GLU A 162 -16.22 -1.71 19.37
CA GLU A 162 -15.99 -2.30 18.04
C GLU A 162 -15.38 -1.35 17.00
N GLY A 163 -15.69 -0.06 17.12
CA GLY A 163 -15.29 0.94 16.15
C GLY A 163 -13.84 1.36 16.14
N THR A 164 -13.05 0.94 17.11
CA THR A 164 -11.70 1.45 17.23
C THR A 164 -10.61 0.79 16.35
N GLU A 165 -10.93 -0.34 15.71
CA GLU A 165 -9.97 -1.12 14.91
C GLU A 165 -9.70 -0.63 13.45
N ASP A 166 -10.37 0.45 13.02
CA ASP A 166 -10.42 0.84 11.60
C ASP A 166 -9.31 1.81 11.17
N SER A 167 -8.46 2.22 12.11
CA SER A 167 -7.42 3.19 11.79
C SER A 167 -6.03 2.59 11.87
N ALA A 168 -5.37 2.48 10.72
CA ALA A 168 -3.96 2.11 10.68
C ALA A 168 -3.10 3.08 11.47
N LEU A 169 -3.29 4.40 11.32
CA LEU A 169 -2.46 5.38 12.04
C LEU A 169 -2.59 5.20 13.55
N HIS A 170 -3.81 4.99 14.02
CA HIS A 170 -4.01 4.67 15.43
C HIS A 170 -3.05 3.55 15.87
N GLY A 171 -3.23 2.35 15.33
CA GLY A 171 -2.40 1.21 15.68
C GLY A 171 -0.91 1.52 15.61
N ILE A 172 -0.49 2.23 14.57
CA ILE A 172 0.90 2.72 14.46
C ILE A 172 1.29 3.67 15.60
N GLU A 173 0.39 4.55 16.04
CA GLU A 173 0.76 5.52 17.10
C GLU A 173 1.00 4.77 18.41
N GLU A 174 0.05 3.91 18.77
CA GLU A 174 0.19 3.00 19.90
C GLU A 174 1.51 2.19 19.88
N LEU A 175 1.93 1.78 18.70
CA LEU A 175 3.15 1.02 18.56
C LEU A 175 4.35 1.94 18.77
N LYS A 176 4.33 3.13 18.15
CA LYS A 176 5.43 4.09 18.38
C LYS A 176 5.61 4.45 19.86
N LYS A 177 4.53 4.46 20.64
CA LYS A 177 4.58 4.83 22.05
C LYS A 177 5.39 3.81 22.84
N VAL A 178 4.83 2.61 22.91
CA VAL A 178 5.35 1.47 23.64
C VAL A 178 6.72 1.01 23.16
N ALA A 179 7.06 1.20 21.89
CA ALA A 179 8.44 0.96 21.40
C ALA A 179 9.45 2.05 21.69
N ALA A 180 9.12 3.00 22.57
CA ALA A 180 10.06 3.94 23.27
C ALA A 180 11.46 4.09 22.61
N GLY A 181 12.53 3.76 23.31
CA GLY A 181 13.85 3.76 22.69
C GLY A 181 14.43 2.36 22.72
N LYS A 182 13.57 1.37 22.43
CA LYS A 182 13.93 -0.05 22.42
C LYS A 182 14.85 -0.31 21.24
N LYS A 183 15.66 -1.36 21.32
CA LYS A 183 16.62 -1.67 20.24
C LYS A 183 16.19 -2.86 19.40
N ARG A 184 15.39 -3.75 19.98
CA ARG A 184 14.91 -4.99 19.36
C ARG A 184 13.46 -5.27 19.77
N VAL A 185 12.51 -5.12 18.84
CA VAL A 185 11.08 -5.29 19.17
C VAL A 185 10.39 -6.38 18.34
N ILE A 186 9.90 -7.42 18.99
CA ILE A 186 9.07 -8.40 18.29
C ILE A 186 7.63 -7.96 18.43
N VAL A 187 6.96 -7.84 17.28
CA VAL A 187 5.58 -7.37 17.19
C VAL A 187 4.69 -8.43 16.59
N ILE A 188 3.80 -8.95 17.43
CA ILE A 188 2.91 -10.01 17.06
C ILE A 188 1.51 -9.41 16.84
N GLY A 189 1.12 -9.26 15.57
CA GLY A 189 -0.20 -8.75 15.23
C GLY A 189 -1.20 -9.84 15.10
N ILE A 190 -2.37 -9.66 15.70
CA ILE A 190 -3.35 -10.70 15.78
C ILE A 190 -4.65 -10.21 15.15
N SER A 191 -4.87 -10.60 13.91
CA SER A 191 -6.17 -10.40 13.32
C SER A 191 -6.60 -11.74 12.79
N VAL A 192 -7.62 -12.28 13.45
CA VAL A 192 -8.13 -13.57 13.14
C VAL A 192 -8.44 -13.60 11.68
N GLY A 193 -9.02 -12.52 11.17
CA GLY A 193 -9.40 -12.43 9.77
C GLY A 193 -8.32 -11.94 8.83
N LEU A 194 -7.12 -11.70 9.31
CA LEU A 194 -6.15 -10.93 8.57
C LEU A 194 -6.88 -9.72 8.00
N SER A 195 -7.63 -9.08 8.90
CA SER A 195 -8.56 -8.00 8.57
C SER A 195 -8.31 -6.62 9.20
N ALA A 196 -7.87 -6.51 10.46
CA ALA A 196 -8.04 -5.27 11.18
C ALA A 196 -6.95 -4.24 10.85
N PRO A 197 -7.36 -3.03 10.36
CA PRO A 197 -6.42 -1.97 9.99
C PRO A 197 -5.46 -1.60 11.09
N PHE A 198 -5.94 -1.60 12.32
CA PHE A 198 -5.06 -1.47 13.51
C PHE A 198 -3.78 -2.29 13.31
N VAL A 199 -3.93 -3.58 13.00
CA VAL A 199 -2.79 -4.48 12.96
C VAL A 199 -2.05 -4.19 11.67
N ALA A 200 -2.80 -3.98 10.59
CA ALA A 200 -2.25 -3.79 9.26
C ALA A 200 -1.14 -2.76 9.23
N GLY A 201 -1.38 -1.63 9.90
CA GLY A 201 -0.39 -0.57 9.91
C GLY A 201 0.86 -0.94 10.66
N GLN A 202 0.66 -1.50 11.85
CA GLN A 202 1.74 -1.97 12.70
C GLN A 202 2.70 -2.84 11.89
N MET A 203 2.16 -3.82 11.18
CA MET A 203 3.01 -4.79 10.47
C MET A 203 3.77 -4.11 9.34
N ASP A 204 3.06 -3.30 8.58
CA ASP A 204 3.63 -2.62 7.45
C ASP A 204 4.76 -1.71 7.94
N CYS A 205 4.50 -1.02 9.05
CA CYS A 205 5.48 -0.11 9.64
C CYS A 205 6.72 -0.87 10.12
N CYS A 206 6.49 -1.93 10.91
CA CYS A 206 7.54 -2.87 11.28
C CYS A 206 8.41 -3.18 10.09
N MET A 207 7.81 -3.52 8.97
CA MET A 207 8.60 -3.91 7.79
C MET A 207 9.50 -2.79 7.27
N ASN A 208 9.20 -1.54 7.56
CA ASN A 208 10.02 -0.42 7.06
C ASN A 208 11.31 -0.25 7.88
N ASN A 209 11.38 -0.87 9.06
CA ASN A 209 12.58 -0.82 9.88
C ASN A 209 12.90 -2.19 10.51
N THR A 210 13.20 -3.11 9.62
CA THR A 210 13.74 -4.43 9.93
C THR A 210 14.81 -4.50 11.03
N ALA A 211 15.75 -3.55 11.02
CA ALA A 211 16.84 -3.47 12.00
C ALA A 211 16.33 -3.46 13.42
N VAL A 212 15.20 -2.78 13.65
CA VAL A 212 14.62 -2.72 14.97
C VAL A 212 13.51 -3.70 15.19
N PHE A 213 12.59 -3.77 14.25
CA PHE A 213 11.35 -4.53 14.41
C PHE A 213 11.29 -5.91 13.75
N LEU A 214 10.58 -6.80 14.42
CA LEU A 214 10.20 -8.05 13.83
C LEU A 214 8.69 -8.31 13.94
N PRO A 215 7.98 -8.22 12.80
CA PRO A 215 6.56 -8.52 12.75
C PRO A 215 6.23 -9.99 12.57
N VAL A 216 5.24 -10.43 13.31
CA VAL A 216 4.75 -11.77 13.25
C VAL A 216 3.24 -11.64 13.19
N LEU A 217 2.69 -11.90 12.01
CA LEU A 217 1.26 -11.77 11.85
C LEU A 217 0.63 -13.12 12.15
N VAL A 218 -0.48 -13.08 12.89
CA VAL A 218 -1.15 -14.28 13.35
C VAL A 218 -2.61 -14.09 13.07
N GLY A 219 -3.23 -15.14 12.56
CA GLY A 219 -4.66 -15.16 12.22
C GLY A 219 -4.98 -16.50 11.56
N PHE A 220 -6.20 -16.63 11.07
CA PHE A 220 -6.68 -17.93 10.68
C PHE A 220 -7.30 -18.04 9.28
N ASN A 221 -6.81 -17.20 8.37
CA ASN A 221 -7.14 -17.32 6.98
C ASN A 221 -5.84 -17.42 6.18
N PRO A 222 -5.90 -18.10 5.04
CA PRO A 222 -4.76 -18.04 4.12
C PRO A 222 -4.49 -16.60 3.70
N VAL A 223 -3.26 -16.31 3.32
CA VAL A 223 -2.91 -14.96 2.95
C VAL A 223 -3.69 -14.54 1.72
N SER A 224 -4.07 -15.47 0.87
CA SER A 224 -4.98 -15.16 -0.26
C SER A 224 -6.48 -14.93 0.08
N MET A 225 -6.88 -15.05 1.34
CA MET A 225 -8.20 -14.59 1.72
C MET A 225 -8.06 -13.39 2.69
N ALA A 226 -6.87 -12.79 2.70
CA ALA A 226 -6.61 -11.68 3.61
C ALA A 226 -7.41 -10.52 3.12
N ARG A 227 -8.02 -9.79 4.05
CA ARG A 227 -8.90 -8.64 3.72
C ARG A 227 -8.22 -7.68 2.78
N ASN A 228 -8.93 -7.35 1.68
CA ASN A 228 -8.36 -6.58 0.56
C ASN A 228 -9.09 -5.32 0.18
N ASP A 229 -10.02 -4.81 0.98
CA ASP A 229 -10.65 -3.52 0.64
C ASP A 229 -9.75 -2.39 1.10
N PRO A 230 -9.92 -1.20 0.53
CA PRO A 230 -9.04 -0.12 0.96
C PRO A 230 -9.31 0.27 2.40
N ILE A 231 -8.25 0.61 3.12
CA ILE A 231 -8.36 1.19 4.47
C ILE A 231 -8.35 2.71 4.37
N GLU A 232 -9.27 3.36 5.09
CA GLU A 232 -9.45 4.80 4.94
C GLU A 232 -8.19 5.62 5.09
N ASP A 233 -7.45 5.40 6.18
CA ASP A 233 -6.19 6.12 6.48
C ASP A 233 -4.90 5.36 6.13
N TRP A 234 -4.93 4.57 5.06
CA TRP A 234 -3.78 3.76 4.71
C TRP A 234 -3.84 3.32 3.25
N SER A 235 -2.68 3.33 2.57
CA SER A 235 -2.61 3.09 1.13
C SER A 235 -2.47 1.61 0.69
N SER A 236 -2.09 0.72 1.60
CA SER A 236 -1.97 -0.71 1.26
C SER A 236 -3.09 -1.49 1.93
N THR A 237 -3.44 -2.65 1.40
CA THR A 237 -4.46 -3.49 2.04
C THR A 237 -3.79 -4.55 2.91
N PHE A 238 -4.57 -5.20 3.78
CA PHE A 238 -4.01 -6.24 4.65
C PHE A 238 -3.32 -7.36 3.83
N ARG A 239 -4.01 -7.83 2.81
CA ARG A 239 -3.46 -8.77 1.83
C ARG A 239 -2.12 -8.36 1.27
N GLN A 240 -1.94 -7.08 0.97
CA GLN A 240 -0.66 -6.65 0.37
C GLN A 240 0.43 -6.74 1.41
N VAL A 241 0.07 -6.24 2.60
CA VAL A 241 0.97 -6.26 3.74
C VAL A 241 1.27 -7.70 4.12
N ALA A 242 0.25 -8.55 4.10
CA ALA A 242 0.47 -9.95 4.44
C ALA A 242 1.33 -10.68 3.40
N GLU A 243 1.10 -10.41 2.12
CA GLU A 243 1.84 -11.09 1.07
C GLU A 243 3.31 -10.76 1.18
N ARG A 244 3.61 -9.56 1.64
CA ARG A 244 4.95 -9.02 1.60
C ARG A 244 5.73 -9.53 2.77
N MET A 245 5.02 -9.78 3.88
CA MET A 245 5.58 -10.43 5.05
C MET A 245 5.92 -11.89 4.69
N GLN A 246 4.97 -12.61 4.09
CA GLN A 246 5.24 -13.97 3.60
C GLN A 246 6.52 -14.02 2.76
N LYS A 247 6.75 -13.04 1.88
CA LYS A 247 8.00 -12.99 1.16
C LYS A 247 9.17 -12.84 2.15
N MET A 248 9.10 -11.89 3.08
CA MET A 248 10.21 -11.71 4.03
C MET A 248 10.48 -12.94 4.94
N GLN A 249 9.52 -13.85 5.10
CA GLN A 249 9.75 -15.07 5.88
C GLN A 249 10.97 -15.86 5.33
N GLU A 250 11.05 -16.06 4.04
CA GLU A 250 12.27 -16.67 3.43
C GLU A 250 13.63 -16.14 3.90
N LYS A 251 13.71 -14.93 4.46
CA LYS A 251 14.95 -14.39 5.04
C LYS A 251 14.80 -14.25 6.57
N GLN A 252 13.72 -14.80 7.14
CA GLN A 252 13.48 -14.80 8.62
C GLN A 252 13.37 -13.41 9.24
N LYS A 253 13.00 -12.43 8.44
CA LYS A 253 12.77 -11.09 8.92
C LYS A 253 11.26 -10.78 9.09
N ALA A 254 10.36 -11.68 8.71
CA ALA A 254 8.94 -11.58 9.10
C ALA A 254 8.31 -12.94 9.09
N PHE A 255 7.16 -13.07 9.73
CA PHE A 255 6.49 -14.34 9.76
C PHE A 255 4.99 -14.19 9.71
N VAL A 256 4.34 -15.19 9.11
CA VAL A 256 2.91 -15.28 9.08
C VAL A 256 2.57 -16.61 9.69
N LEU A 257 1.83 -16.63 10.78
CA LEU A 257 1.32 -17.87 11.34
C LEU A 257 -0.16 -17.95 11.11
N ASN A 258 -0.57 -18.69 10.10
CA ASN A 258 -1.95 -18.62 9.68
C ASN A 258 -2.58 -19.95 9.34
N PRO A 259 -2.67 -20.84 10.34
CA PRO A 259 -3.39 -22.10 10.21
C PRO A 259 -4.84 -21.89 10.00
N ALA A 260 -5.50 -22.82 9.31
CA ALA A 260 -6.94 -22.79 9.18
C ALA A 260 -7.51 -23.59 10.33
N ILE A 261 -8.55 -23.07 10.95
CA ILE A 261 -9.21 -23.82 12.01
C ILE A 261 -10.64 -24.10 11.67
N GLY A 262 -11.06 -23.73 10.46
CA GLY A 262 -12.45 -23.90 10.03
C GLY A 262 -13.34 -22.78 10.53
N PRO A 263 -14.55 -22.61 9.95
CA PRO A 263 -15.41 -21.48 10.29
C PRO A 263 -15.88 -21.56 11.71
N GLU A 264 -16.53 -20.50 12.18
CA GLU A 264 -17.06 -20.42 13.53
C GLU A 264 -18.47 -21.00 13.58
N GLY A 265 -18.88 -21.48 14.74
CA GLY A 265 -20.24 -21.99 14.86
C GLY A 265 -21.32 -20.95 14.58
N LEU A 266 -21.02 -19.70 14.95
CA LEU A 266 -21.80 -18.50 14.62
C LEU A 266 -20.91 -17.69 13.71
N SER A 267 -21.38 -17.44 12.50
CA SER A 267 -20.52 -17.00 11.43
C SER A 267 -19.88 -15.67 11.75
N GLY A 268 -18.56 -15.58 11.57
CA GLY A 268 -17.83 -14.35 11.83
C GLY A 268 -17.75 -13.96 13.28
N SER A 269 -18.07 -14.89 14.18
CA SER A 269 -17.88 -14.64 15.58
C SER A 269 -16.49 -15.08 15.97
N SER A 270 -15.48 -14.32 15.58
CA SER A 270 -14.10 -14.72 15.82
C SER A 270 -13.64 -14.59 17.29
N ARG A 271 -14.51 -14.07 18.16
CA ARG A 271 -14.17 -14.12 19.60
C ARG A 271 -13.93 -15.60 19.99
N MET A 272 -14.80 -16.49 19.52
CA MET A 272 -14.87 -17.90 19.87
C MET A 272 -13.67 -18.72 19.37
N LYS A 273 -13.83 -19.58 18.36
CA LYS A 273 -12.70 -20.40 17.91
C LYS A 273 -11.42 -19.60 17.61
N GLY A 274 -11.55 -18.37 17.10
CA GLY A 274 -10.39 -17.51 16.80
C GLY A 274 -9.58 -17.11 18.02
N GLY A 275 -10.27 -16.78 19.11
CA GLY A 275 -9.62 -16.39 20.37
C GLY A 275 -9.02 -17.59 21.06
N SER A 276 -9.78 -18.67 21.14
CA SER A 276 -9.22 -19.96 21.52
C SER A 276 -7.92 -20.29 20.74
N ALA A 277 -8.02 -20.39 19.41
CA ALA A 277 -6.84 -20.70 18.60
C ALA A 277 -5.69 -19.69 18.80
N THR A 278 -6.03 -18.42 19.05
CA THR A 278 -5.02 -17.41 19.27
C THR A 278 -4.20 -17.83 20.48
N LYS A 279 -4.88 -18.27 21.54
CA LYS A 279 -4.21 -18.69 22.80
C LYS A 279 -3.39 -19.96 22.58
N ILE A 280 -4.07 -20.95 22.03
CA ILE A 280 -3.49 -22.26 21.86
C ILE A 280 -2.18 -22.02 21.09
N LEU A 281 -2.31 -21.25 20.03
CA LEU A 281 -1.21 -21.08 19.15
C LEU A 281 -0.09 -20.28 19.80
N LEU A 282 -0.43 -19.27 20.59
CA LEU A 282 0.64 -18.37 21.09
C LEU A 282 1.29 -18.78 22.42
N GLU A 283 0.50 -19.30 23.34
CA GLU A 283 1.05 -19.79 24.59
C GLU A 283 2.08 -20.88 24.25
N THR A 284 1.58 -21.96 23.65
CA THR A 284 2.43 -23.01 23.06
C THR A 284 3.80 -22.49 22.60
N LEU A 285 3.81 -21.65 21.58
CA LEU A 285 5.02 -21.11 20.99
C LEU A 285 5.92 -20.39 22.00
N LEU A 286 5.33 -19.57 22.87
CA LEU A 286 6.10 -18.77 23.77
C LEU A 286 6.56 -19.61 24.97
N LEU A 287 5.63 -20.39 25.54
CA LEU A 287 6.01 -21.34 26.58
C LEU A 287 7.20 -22.15 26.11
N ALA A 288 7.10 -22.69 24.90
CA ALA A 288 8.19 -23.47 24.36
C ALA A 288 9.48 -22.66 24.34
N ALA A 289 9.41 -21.41 23.87
CA ALA A 289 10.63 -20.63 23.72
C ALA A 289 11.26 -20.32 25.09
N HIS A 290 10.44 -20.18 26.14
CA HIS A 290 10.98 -19.91 27.48
C HIS A 290 11.61 -21.16 28.05
N LYS A 291 10.76 -22.15 28.33
CA LYS A 291 11.18 -23.41 28.92
C LYS A 291 12.44 -23.98 28.23
N THR A 292 12.66 -23.68 26.96
CA THR A 292 13.81 -24.22 26.28
C THR A 292 15.07 -23.33 26.29
N VAL A 293 14.99 -22.05 26.67
CA VAL A 293 16.25 -21.22 26.69
C VAL A 293 17.20 -21.59 27.82
N ASP A 294 16.61 -21.83 28.99
CA ASP A 294 17.34 -22.05 30.22
C ASP A 294 17.53 -23.54 30.44
N GLN A 295 16.96 -24.36 29.54
CA GLN A 295 17.38 -25.76 29.34
C GLN A 295 18.51 -25.91 28.31
N GLY A 296 19.05 -24.78 27.82
CA GLY A 296 20.19 -24.79 26.89
C GLY A 296 19.97 -25.45 25.54
N ILE A 297 18.70 -25.48 25.12
CA ILE A 297 18.28 -26.29 23.98
C ILE A 297 17.33 -25.46 23.08
N ALA A 298 17.44 -25.64 21.76
CA ALA A 298 16.53 -25.00 20.81
C ALA A 298 15.14 -25.63 20.85
N ALA A 299 14.13 -24.81 20.62
CA ALA A 299 12.78 -25.32 20.50
C ALA A 299 12.72 -26.31 19.35
N SER A 300 12.12 -27.46 19.63
CA SER A 300 11.85 -28.46 18.62
C SER A 300 10.34 -28.50 18.40
N GLN A 301 9.94 -29.16 17.32
CA GLN A 301 8.51 -29.44 17.11
C GLN A 301 8.01 -30.34 18.26
N ARG A 302 8.89 -31.22 18.74
CA ARG A 302 8.55 -32.14 19.78
C ARG A 302 8.14 -31.38 21.05
N CYS A 303 8.81 -30.28 21.37
CA CYS A 303 8.39 -29.53 22.57
C CYS A 303 7.00 -28.90 22.37
N LEU A 304 6.83 -28.27 21.21
CA LEU A 304 5.54 -27.71 20.81
C LEU A 304 4.43 -28.73 20.90
N LEU A 305 4.58 -29.86 20.22
CA LEU A 305 3.52 -30.84 20.18
C LEU A 305 3.11 -31.30 21.58
N GLU A 306 4.08 -31.45 22.48
CA GLU A 306 3.75 -31.78 23.88
C GLU A 306 2.62 -30.84 24.32
N ILE A 307 2.83 -29.54 24.09
CA ILE A 307 1.83 -28.52 24.48
C ILE A 307 0.49 -28.60 23.73
N LEU A 308 0.58 -28.68 22.41
CA LEU A 308 -0.62 -28.70 21.58
C LEU A 308 -1.47 -29.89 21.99
N ARG A 309 -0.82 -31.02 22.24
CA ARG A 309 -1.57 -32.24 22.61
C ARG A 309 -2.24 -32.12 23.98
N THR A 310 -1.55 -31.43 24.89
CA THR A 310 -2.16 -31.08 26.16
C THR A 310 -3.38 -30.22 25.91
N PHE A 311 -3.20 -29.15 25.12
CA PHE A 311 -4.34 -28.28 24.78
C PHE A 311 -5.44 -29.09 24.09
N GLU A 312 -5.05 -30.06 23.25
CA GLU A 312 -6.04 -30.90 22.60
C GLU A 312 -6.77 -31.76 23.65
N ARG A 313 -6.04 -32.29 24.62
CA ARG A 313 -6.68 -33.09 25.68
C ARG A 313 -7.75 -32.27 26.37
N ALA A 314 -7.43 -31.01 26.60
CA ALA A 314 -8.32 -30.07 27.29
C ALA A 314 -9.68 -29.87 26.61
N HIS A 315 -9.72 -29.95 25.29
CA HIS A 315 -11.04 -29.87 24.67
C HIS A 315 -11.89 -31.03 25.11
N GLN A 316 -11.29 -32.21 25.19
CA GLN A 316 -11.97 -33.48 25.53
C GLN A 316 -12.33 -33.50 27.00
N VAL A 317 -11.38 -33.11 27.84
CA VAL A 317 -11.63 -32.87 29.25
C VAL A 317 -12.83 -31.94 29.44
N THR A 318 -12.83 -30.82 28.72
CA THR A 318 -13.84 -29.77 28.92
C THR A 318 -15.22 -30.24 28.49
N TYR A 319 -15.31 -30.82 27.32
CA TYR A 319 -16.60 -31.09 26.71
C TYR A 319 -17.25 -32.38 27.18
N SER A 320 -16.48 -33.20 27.88
CA SER A 320 -17.03 -34.38 28.54
C SER A 320 -18.01 -34.00 29.65
N GLN A 321 -17.99 -32.74 30.09
CA GLN A 321 -19.02 -32.23 30.98
C GLN A 321 -20.14 -31.53 30.20
N SER A 322 -20.48 -32.02 29.02
CA SER A 322 -21.46 -31.31 28.17
C SER A 322 -22.89 -31.19 28.73
N PRO A 323 -23.50 -32.32 29.16
CA PRO A 323 -24.85 -32.24 29.75
C PRO A 323 -25.01 -31.15 30.83
N LYS A 324 -24.00 -31.01 31.70
CA LYS A 324 -23.95 -29.93 32.70
C LYS A 324 -23.80 -28.55 32.04
N ILE A 325 -22.95 -28.48 31.01
CA ILE A 325 -22.79 -27.25 30.24
C ILE A 325 -24.12 -26.86 29.61
N ALA A 326 -24.82 -27.85 29.04
CA ALA A 326 -26.13 -27.64 28.49
C ALA A 326 -27.13 -27.12 29.54
N THR A 327 -27.11 -27.69 30.74
CA THR A 327 -28.04 -27.30 31.83
C THR A 327 -27.82 -25.85 32.29
N LEU A 328 -26.56 -25.44 32.42
CA LEU A 328 -26.22 -24.07 32.85
C LEU A 328 -26.71 -23.08 31.81
N MET A 329 -26.44 -23.38 30.55
CA MET A 329 -26.94 -22.61 29.43
C MET A 329 -28.47 -22.46 29.54
N LYS A 330 -29.23 -23.58 29.57
CA LYS A 330 -30.70 -23.52 29.77
C LYS A 330 -31.14 -22.47 30.82
N SER A 331 -30.45 -22.46 31.97
CA SER A 331 -30.74 -21.52 33.08
C SER A 331 -30.28 -20.07 32.87
N VAL A 332 -29.41 -19.84 31.88
CA VAL A 332 -28.98 -18.50 31.49
C VAL A 332 -29.94 -17.97 30.44
N SER A 333 -30.38 -18.87 29.57
CA SER A 333 -31.38 -18.57 28.57
C SER A 333 -32.71 -18.20 29.18
N THR A 334 -33.10 -18.88 30.28
CA THR A 334 -34.38 -18.61 30.99
C THR A 334 -34.35 -17.30 31.79
N SER A 335 -33.31 -17.07 32.57
CA SER A 335 -33.13 -15.77 33.23
C SER A 335 -33.31 -14.58 32.26
N LEU A 336 -32.85 -14.75 31.02
CA LEU A 336 -32.95 -13.71 30.02
C LEU A 336 -34.30 -13.75 29.35
N GLU A 337 -34.80 -14.95 29.09
CA GLU A 337 -36.14 -15.11 28.53
C GLU A 337 -37.19 -14.42 29.36
N LYS A 338 -36.97 -14.33 30.68
CA LYS A 338 -37.87 -13.57 31.56
C LYS A 338 -37.49 -12.10 31.38
N LYS A 339 -36.73 -11.50 32.28
CA LYS A 339 -36.06 -10.26 31.93
C LYS A 339 -34.95 -9.96 32.91
N GLY A 340 -34.34 -11.04 33.41
CA GLY A 340 -33.39 -10.97 34.50
C GLY A 340 -31.95 -11.01 34.04
N HIS A 341 -31.04 -11.02 35.01
CA HIS A 341 -29.63 -10.79 34.77
C HIS A 341 -28.76 -12.03 35.11
N VAL A 342 -27.50 -12.01 34.67
CA VAL A 342 -26.58 -13.11 34.87
C VAL A 342 -25.21 -12.61 35.29
N TYR A 343 -24.66 -13.21 36.32
CA TYR A 343 -23.46 -12.69 36.91
C TYR A 343 -22.39 -13.79 36.90
N LEU A 344 -21.24 -13.46 36.33
CA LEU A 344 -20.18 -14.42 36.17
C LEU A 344 -19.14 -14.00 37.17
N VAL A 345 -18.91 -14.85 38.17
CA VAL A 345 -18.13 -14.45 39.32
C VAL A 345 -16.87 -15.29 39.38
N GLY A 346 -15.72 -14.66 39.28
CA GLY A 346 -14.49 -15.37 39.06
C GLY A 346 -13.28 -14.78 39.77
N TRP A 347 -12.38 -15.65 40.18
CA TRP A 347 -11.25 -15.22 40.94
C TRP A 347 -10.11 -15.24 39.98
N GLN A 348 -9.11 -14.40 40.21
CA GLN A 348 -7.93 -14.35 39.36
C GLN A 348 -8.35 -14.36 37.88
N THR A 349 -7.40 -14.68 37.00
CA THR A 349 -7.62 -14.67 35.57
C THR A 349 -8.99 -15.14 35.13
N LEU A 350 -9.47 -16.24 35.70
CA LEU A 350 -10.74 -16.80 35.24
C LEU A 350 -11.89 -15.82 35.47
N GLY A 351 -11.70 -14.87 36.37
CA GLY A 351 -12.63 -13.74 36.53
C GLY A 351 -12.56 -12.72 35.40
N ILE A 352 -11.34 -12.41 34.94
CA ILE A 352 -11.17 -11.56 33.77
C ILE A 352 -11.94 -12.14 32.58
N ILE A 353 -11.60 -13.37 32.20
CA ILE A 353 -12.28 -14.09 31.13
C ILE A 353 -13.80 -14.02 31.28
N ALA A 354 -14.28 -14.08 32.51
CA ALA A 354 -15.71 -13.92 32.82
C ALA A 354 -16.23 -12.55 32.33
N ILE A 355 -15.44 -11.52 32.63
CA ILE A 355 -15.71 -10.16 32.23
C ILE A 355 -15.71 -10.05 30.72
N MET A 356 -14.70 -10.63 30.09
CA MET A 356 -14.54 -10.50 28.67
C MET A 356 -15.60 -11.27 27.95
N ASP A 357 -16.11 -12.34 28.55
CA ASP A 357 -17.26 -12.99 27.91
C ASP A 357 -18.53 -12.15 28.01
N GLY A 358 -18.63 -11.34 29.05
CA GLY A 358 -19.85 -10.61 29.30
C GLY A 358 -19.97 -9.38 28.43
N VAL A 359 -18.93 -8.58 28.50
CA VAL A 359 -18.75 -7.44 27.65
C VAL A 359 -18.89 -7.82 26.17
N GLU A 360 -18.39 -8.99 25.77
CA GLU A 360 -18.44 -9.37 24.34
C GLU A 360 -19.85 -9.66 23.89
N CYS A 361 -20.72 -9.98 24.85
CA CYS A 361 -22.12 -10.31 24.56
C CYS A 361 -22.86 -9.11 24.08
N ILE A 362 -22.36 -7.91 24.42
CA ILE A 362 -23.05 -6.66 24.09
C ILE A 362 -23.16 -6.49 22.57
N HIS A 363 -22.01 -6.31 21.92
CA HIS A 363 -22.00 -6.14 20.49
C HIS A 363 -22.37 -7.41 19.76
N THR A 364 -22.02 -8.58 20.28
CA THR A 364 -22.34 -9.81 19.55
C THR A 364 -23.85 -10.06 19.50
N PHE A 365 -24.61 -9.58 20.47
CA PHE A 365 -26.04 -9.89 20.51
C PHE A 365 -27.03 -8.72 20.65
N GLY A 366 -26.51 -7.51 20.58
CA GLY A 366 -27.27 -6.36 20.97
C GLY A 366 -27.76 -6.54 22.40
N ALA A 367 -26.91 -7.13 23.25
CA ALA A 367 -27.25 -7.36 24.63
C ALA A 367 -26.88 -6.10 25.36
N ASP A 368 -27.56 -5.87 26.49
CA ASP A 368 -27.32 -4.71 27.37
C ASP A 368 -26.33 -5.12 28.45
N PHE A 369 -25.48 -4.19 28.91
CA PHE A 369 -24.32 -4.48 29.78
C PHE A 369 -24.58 -5.20 31.10
N ARG A 370 -25.84 -5.42 31.44
CA ARG A 370 -26.21 -6.16 32.64
C ARG A 370 -26.59 -7.60 32.29
N ASP A 371 -27.15 -7.82 31.11
CA ASP A 371 -27.64 -9.14 30.70
C ASP A 371 -26.73 -10.28 31.14
N VAL A 372 -25.43 -10.09 30.88
CA VAL A 372 -24.41 -11.09 31.16
C VAL A 372 -23.19 -10.29 31.54
N ARG A 373 -23.00 -10.12 32.83
CA ARG A 373 -22.01 -9.23 33.41
C ARG A 373 -20.89 -10.10 34.04
N GLY A 374 -19.69 -9.58 34.12
CA GLY A 374 -18.57 -10.31 34.71
C GLY A 374 -18.00 -9.61 35.93
N PHE A 375 -17.39 -10.40 36.79
CA PHE A 375 -16.91 -9.93 38.08
C PHE A 375 -15.63 -10.66 38.47
N LEU A 376 -14.59 -9.89 38.82
CA LEU A 376 -13.34 -10.44 39.39
C LEU A 376 -13.18 -10.06 40.87
N ILE A 377 -12.90 -11.06 41.71
CA ILE A 377 -12.61 -10.83 43.11
C ILE A 377 -11.09 -10.92 43.37
N PHE A 397 -16.40 -3.70 37.31
CA PHE A 397 -16.00 -5.08 36.89
C PHE A 397 -15.23 -5.84 37.98
N THR A 398 -14.39 -5.11 38.70
CA THR A 398 -13.35 -5.68 39.55
C THR A 398 -13.61 -5.43 41.07
N PHE A 399 -14.79 -5.83 41.57
CA PHE A 399 -15.18 -5.52 42.94
C PHE A 399 -14.72 -6.57 43.98
N SER A 400 -14.39 -6.10 45.18
CA SER A 400 -13.91 -6.93 46.31
C SER A 400 -15.03 -7.70 47.07
N GLN A 401 -14.65 -8.41 48.14
CA GLN A 401 -15.58 -9.32 48.86
C GLN A 401 -16.82 -8.68 49.55
N GLU A 402 -16.60 -7.90 50.61
CA GLU A 402 -17.71 -7.15 51.24
C GLU A 402 -18.29 -6.18 50.20
N ASP A 403 -17.39 -5.48 49.49
CA ASP A 403 -17.73 -4.58 48.38
C ASP A 403 -18.79 -5.17 47.42
N PHE A 404 -18.58 -6.40 46.97
CA PHE A 404 -19.57 -7.05 46.11
C PHE A 404 -20.79 -7.47 46.95
N LEU A 405 -20.58 -7.86 48.20
CA LEU A 405 -21.71 -8.20 49.08
C LEU A 405 -22.67 -7.02 49.24
N THR A 406 -22.15 -5.85 49.63
CA THR A 406 -23.01 -4.68 49.85
C THR A 406 -23.58 -4.11 48.54
N SER A 407 -22.70 -3.88 47.55
CA SER A 407 -23.05 -3.20 46.29
C SER A 407 -24.00 -3.96 45.36
N ILE A 408 -23.60 -5.16 44.94
CA ILE A 408 -24.34 -5.92 43.92
C ILE A 408 -25.42 -6.84 44.52
N LEU A 409 -25.12 -7.44 45.66
CA LEU A 409 -26.00 -8.45 46.29
C LEU A 409 -27.46 -8.01 46.55
N PRO A 410 -27.69 -6.72 46.87
CA PRO A 410 -29.07 -6.23 46.97
C PRO A 410 -29.94 -6.43 45.74
N SER A 411 -29.35 -6.28 44.55
CA SER A 411 -30.10 -6.18 43.29
C SER A 411 -30.62 -7.52 42.68
N LEU A 412 -30.41 -8.63 43.39
CA LEU A 412 -30.68 -9.98 42.87
C LEU A 412 -32.14 -10.41 43.05
N THR A 413 -32.50 -11.59 42.58
CA THR A 413 -33.91 -11.88 42.33
C THR A 413 -34.14 -13.37 42.07
N GLU A 414 -35.39 -13.79 42.28
CA GLU A 414 -35.84 -15.18 42.05
C GLU A 414 -35.29 -15.77 40.75
N ILE A 415 -35.34 -14.97 39.67
CA ILE A 415 -35.20 -15.50 38.30
C ILE A 415 -33.78 -15.38 37.69
N ASP A 416 -32.85 -14.77 38.40
CA ASP A 416 -31.49 -14.57 37.90
C ASP A 416 -30.70 -15.88 37.69
N THR A 417 -29.40 -15.74 37.43
CA THR A 417 -28.47 -16.85 37.52
C THR A 417 -27.10 -16.30 37.84
N VAL A 418 -26.39 -16.97 38.75
CA VAL A 418 -25.04 -16.56 39.14
C VAL A 418 -24.10 -17.73 38.95
N VAL A 419 -22.94 -17.45 38.38
CA VAL A 419 -21.99 -18.48 38.03
C VAL A 419 -20.64 -18.17 38.65
N PHE A 420 -20.12 -19.20 39.33
CA PHE A 420 -18.92 -19.06 40.16
C PHE A 420 -17.76 -19.86 39.58
N ILE A 421 -16.63 -19.18 39.44
CA ILE A 421 -15.54 -19.61 38.56
C ILE A 421 -14.20 -19.45 39.26
N PHE A 422 -13.57 -20.59 39.57
CA PHE A 422 -12.46 -20.65 40.52
C PHE A 422 -11.83 -22.04 40.48
N THR A 423 -10.62 -22.11 41.01
CA THR A 423 -9.95 -23.38 41.26
C THR A 423 -10.02 -23.71 42.74
N LEU A 424 -9.53 -24.87 43.12
CA LEU A 424 -9.43 -25.22 44.53
C LEU A 424 -8.19 -24.60 45.15
N ASP A 425 -7.24 -24.16 44.32
CA ASP A 425 -6.08 -23.45 44.84
C ASP A 425 -6.43 -22.00 45.25
N ASP A 426 -7.71 -21.60 45.18
CA ASP A 426 -8.07 -20.16 45.19
C ASP A 426 -8.09 -19.42 46.54
N ASN A 427 -8.82 -19.97 47.51
CA ASN A 427 -9.30 -19.27 48.71
C ASN A 427 -10.82 -19.42 48.73
N LEU A 428 -11.26 -20.54 49.30
CA LEU A 428 -12.65 -20.91 49.24
C LEU A 428 -13.43 -20.41 50.44
N THR A 429 -12.76 -19.78 51.41
CA THR A 429 -13.43 -19.10 52.54
C THR A 429 -14.17 -17.85 52.01
N GLU A 430 -13.46 -17.10 51.15
CA GLU A 430 -14.03 -15.98 50.41
C GLU A 430 -15.16 -16.44 49.47
N VAL A 431 -15.00 -17.62 48.86
CA VAL A 431 -15.99 -18.19 47.92
C VAL A 431 -17.28 -18.67 48.60
N GLN A 432 -17.16 -19.56 49.59
CA GLN A 432 -18.33 -20.02 50.37
C GLN A 432 -19.18 -18.84 50.87
N THR A 433 -18.51 -17.81 51.41
CA THR A 433 -19.19 -16.61 51.90
C THR A 433 -20.18 -16.06 50.86
N ILE A 434 -19.66 -15.81 49.66
CA ILE A 434 -20.40 -15.09 48.62
C ILE A 434 -21.55 -15.93 48.11
N VAL A 435 -21.39 -17.25 48.14
CA VAL A 435 -22.43 -18.15 47.64
C VAL A 435 -23.55 -18.32 48.67
N GLU A 436 -23.17 -18.48 49.93
CA GLU A 436 -24.15 -18.61 51.01
C GLU A 436 -25.10 -17.42 51.01
N GLN A 437 -24.54 -16.22 50.85
CA GLN A 437 -25.36 -15.00 50.82
C GLN A 437 -26.33 -14.96 49.60
N VAL A 438 -25.83 -15.40 48.45
CA VAL A 438 -26.58 -15.41 47.18
C VAL A 438 -27.67 -16.50 47.12
N LYS A 439 -27.40 -17.62 47.79
CA LYS A 439 -28.35 -18.75 47.84
C LYS A 439 -29.70 -18.26 48.34
N GLU A 440 -29.66 -17.43 49.40
CA GLU A 440 -30.85 -16.82 49.97
C GLU A 440 -31.69 -16.18 48.90
N LYS A 441 -31.04 -15.32 48.11
CA LYS A 441 -31.71 -14.42 47.18
C LYS A 441 -31.86 -14.93 45.73
N THR A 442 -31.18 -16.01 45.32
CA THR A 442 -31.36 -16.55 43.93
C THR A 442 -31.86 -17.99 43.82
N ASN A 443 -31.10 -18.94 44.36
CA ASN A 443 -31.36 -20.39 44.19
C ASN A 443 -31.18 -20.95 42.73
N HIS A 444 -30.93 -20.09 41.75
CA HIS A 444 -30.44 -20.50 40.41
C HIS A 444 -28.94 -20.26 40.30
N ILE A 445 -28.16 -21.07 40.99
CA ILE A 445 -26.71 -20.95 40.90
C ILE A 445 -26.16 -22.29 40.44
N GLN A 446 -25.09 -22.26 39.66
CA GLN A 446 -24.38 -23.47 39.23
C GLN A 446 -22.90 -23.04 39.37
N ALA A 447 -21.93 -23.89 39.05
CA ALA A 447 -20.54 -23.44 39.22
C ALA A 447 -19.47 -24.22 38.46
N LEU A 448 -18.36 -23.54 38.20
CA LEU A 448 -17.27 -24.06 37.40
C LEU A 448 -15.95 -24.07 38.20
N ALA A 449 -15.48 -25.29 38.46
CA ALA A 449 -14.40 -25.50 39.42
C ALA A 449 -13.29 -26.39 38.87
N HIS A 450 -12.09 -25.83 38.86
CA HIS A 450 -10.93 -26.48 38.30
C HIS A 450 -10.06 -27.03 39.42
N SER A 451 -9.66 -28.30 39.29
CA SER A 451 -8.98 -29.05 40.36
C SER A 451 -8.00 -30.06 39.81
N THR A 452 -6.81 -30.15 40.40
CA THR A 452 -5.95 -31.33 40.22
C THR A 452 -6.60 -32.59 40.82
N VAL A 453 -6.47 -33.76 40.17
CA VAL A 453 -7.03 -35.05 40.68
C VAL A 453 -6.82 -35.27 42.18
N GLY A 454 -7.89 -35.64 42.87
CA GLY A 454 -7.84 -35.87 44.30
C GLY A 454 -7.57 -34.62 45.13
N GLN A 455 -7.96 -33.45 44.64
CA GLN A 455 -8.24 -32.32 45.52
C GLN A 455 -9.70 -32.53 45.88
N THR A 456 -10.10 -32.06 47.07
CA THR A 456 -11.46 -32.29 47.57
C THR A 456 -12.16 -30.98 47.88
N LEU A 457 -13.47 -30.98 47.71
CA LEU A 457 -14.27 -29.77 47.90
C LEU A 457 -14.68 -29.63 49.37
N PRO A 458 -14.12 -28.62 50.10
CA PRO A 458 -14.48 -28.46 51.51
C PRO A 458 -15.98 -28.24 51.65
N ILE A 459 -16.50 -28.37 52.88
CA ILE A 459 -17.95 -28.48 53.15
C ILE A 459 -18.50 -29.73 52.43
N PRO A 460 -18.54 -30.90 53.12
CA PRO A 460 -19.18 -32.09 52.52
C PRO A 460 -20.62 -31.82 52.04
N LEU A 461 -21.27 -30.85 52.69
CA LEU A 461 -22.50 -30.23 52.16
C LEU A 461 -22.20 -29.00 51.29
N LYS A 462 -21.18 -29.09 50.41
CA LYS A 462 -20.99 -28.08 49.38
C LYS A 462 -22.04 -28.40 48.35
N LYS A 463 -23.28 -28.23 48.77
CA LYS A 463 -24.48 -28.47 48.00
C LYS A 463 -25.62 -27.66 48.63
N LEU A 464 -25.63 -26.31 48.58
CA LEU A 464 -24.82 -25.39 47.73
C LEU A 464 -24.84 -25.72 46.23
N PHE A 465 -23.82 -26.45 45.75
CA PHE A 465 -23.86 -26.97 44.38
C PHE A 465 -24.08 -28.48 44.37
N PRO A 466 -25.36 -28.91 44.36
CA PRO A 466 -25.64 -30.32 44.10
C PRO A 466 -24.83 -30.79 42.89
N SER A 467 -25.09 -30.19 41.73
CA SER A 467 -24.51 -30.63 40.46
C SER A 467 -23.47 -29.63 39.91
N ILE A 468 -22.31 -29.63 40.55
CA ILE A 468 -21.15 -28.86 40.06
C ILE A 468 -20.69 -29.29 38.67
N ILE A 469 -19.80 -28.45 38.13
CA ILE A 469 -18.91 -28.79 37.05
C ILE A 469 -17.50 -28.73 37.67
N SER A 470 -17.13 -29.80 38.39
CA SER A 470 -15.73 -29.97 38.81
C SER A 470 -15.07 -30.42 37.50
N ILE A 471 -13.95 -29.80 37.16
CA ILE A 471 -13.15 -30.21 36.02
C ILE A 471 -11.76 -30.54 36.53
N THR A 472 -11.42 -31.80 36.35
CA THR A 472 -10.38 -32.42 37.11
C THR A 472 -9.22 -32.70 36.16
N TRP A 473 -8.09 -32.08 36.46
CA TRP A 473 -6.91 -32.10 35.60
C TRP A 473 -5.85 -33.14 36.00
N PRO A 474 -5.61 -34.14 35.14
CA PRO A 474 -4.46 -35.01 35.35
C PRO A 474 -3.27 -34.25 35.88
N LEU A 475 -2.52 -34.83 36.80
CA LEU A 475 -1.25 -34.27 37.23
C LEU A 475 -0.35 -34.17 36.00
N LEU A 476 0.19 -32.99 35.72
CA LEU A 476 1.19 -32.83 34.65
C LEU A 476 2.54 -32.48 35.29
N PHE A 477 3.59 -32.57 34.48
CA PHE A 477 4.96 -32.45 34.97
C PHE A 477 5.49 -31.05 34.65
N PHE A 478 5.16 -30.11 35.54
CA PHE A 478 5.53 -28.71 35.39
C PHE A 478 6.86 -28.42 36.10
N GLU A 479 7.70 -27.62 35.46
CA GLU A 479 8.93 -27.20 36.11
C GLU A 479 8.85 -25.75 36.59
N TYR A 480 8.06 -24.90 35.92
CA TYR A 480 7.93 -23.49 36.32
C TYR A 480 7.05 -23.26 37.55
N GLU A 481 7.49 -22.32 38.38
CA GLU A 481 6.98 -22.10 39.74
C GLU A 481 5.52 -21.60 39.85
N GLY A 482 5.00 -21.00 38.78
CA GLY A 482 3.57 -20.62 38.73
C GLY A 482 2.66 -21.69 38.12
N ASN A 483 3.28 -22.78 37.64
CA ASN A 483 2.62 -23.86 36.87
C ASN A 483 1.83 -23.34 35.64
N PHE A 484 2.51 -22.52 34.85
CA PHE A 484 1.86 -21.72 33.83
C PHE A 484 1.05 -22.56 32.83
N ILE A 485 1.51 -23.78 32.57
CA ILE A 485 0.82 -24.66 31.64
C ILE A 485 -0.54 -25.06 32.22
N GLN A 486 -0.63 -25.24 33.54
CA GLN A 486 -1.91 -25.55 34.18
C GLN A 486 -2.85 -24.35 34.04
N LYS A 487 -2.28 -23.16 34.17
CA LYS A 487 -3.05 -21.91 33.98
C LYS A 487 -3.83 -21.93 32.64
N PHE A 488 -3.10 -22.10 31.54
CA PHE A 488 -3.66 -22.01 30.19
C PHE A 488 -4.74 -23.05 29.90
N GLN A 489 -4.55 -24.26 30.42
CA GLN A 489 -5.56 -25.30 30.34
C GLN A 489 -6.83 -24.75 30.93
N ARG A 490 -6.66 -24.05 32.06
CA ARG A 490 -7.79 -23.61 32.85
C ARG A 490 -8.52 -22.44 32.18
N GLU A 491 -7.75 -21.40 31.82
CA GLU A 491 -8.26 -20.28 31.04
C GLU A 491 -9.06 -20.73 29.80
N LEU A 492 -8.42 -21.55 28.95
CA LEU A 492 -9.09 -22.07 27.77
C LEU A 492 -10.33 -22.88 28.07
N SER A 493 -10.31 -23.69 29.12
CA SER A 493 -11.44 -24.55 29.40
C SER A 493 -12.60 -23.67 29.82
N THR A 494 -12.28 -22.65 30.62
CA THR A 494 -13.25 -21.66 31.05
C THR A 494 -13.85 -20.92 29.84
N LYS A 495 -12.95 -20.46 28.94
CA LYS A 495 -13.37 -19.72 27.74
C LYS A 495 -14.35 -20.52 26.88
N TRP A 496 -14.01 -21.76 26.59
CA TRP A 496 -14.93 -22.65 25.92
C TRP A 496 -16.30 -22.75 26.60
N VAL A 497 -16.32 -22.80 27.93
CA VAL A 497 -17.59 -23.00 28.61
C VAL A 497 -18.39 -21.73 28.51
N LEU A 498 -17.82 -20.64 28.97
CA LEU A 498 -18.52 -19.36 28.94
C LEU A 498 -18.94 -18.91 27.51
N ASN A 499 -18.07 -19.09 26.50
CA ASN A 499 -18.41 -18.82 25.13
C ASN A 499 -19.65 -19.59 24.75
N THR A 500 -19.61 -20.88 24.98
CA THR A 500 -20.66 -21.80 24.57
C THR A 500 -21.95 -21.55 25.35
N VAL A 501 -21.79 -21.22 26.63
CA VAL A 501 -22.92 -20.91 27.48
C VAL A 501 -23.60 -19.69 26.93
N SER A 502 -22.88 -18.57 26.94
CA SER A 502 -23.47 -17.28 26.57
C SER A 502 -23.98 -17.31 25.15
N THR A 503 -23.11 -17.71 24.21
CA THR A 503 -23.46 -17.80 22.80
C THR A 503 -24.70 -18.66 22.64
N GLY A 504 -24.72 -19.80 23.33
CA GLY A 504 -25.86 -20.73 23.29
C GLY A 504 -27.17 -20.14 23.85
N ALA A 505 -27.07 -19.53 25.03
CA ALA A 505 -28.24 -18.92 25.67
C ALA A 505 -29.05 -18.09 24.66
N HIS A 506 -28.37 -17.20 23.94
CA HIS A 506 -29.02 -16.29 22.99
C HIS A 506 -29.57 -16.97 21.75
N VAL A 507 -28.92 -18.04 21.29
CA VAL A 507 -29.44 -18.77 20.15
C VAL A 507 -30.84 -19.25 20.50
N LEU A 508 -30.93 -20.01 21.60
CA LEU A 508 -32.21 -20.52 22.11
C LEU A 508 -33.34 -19.48 22.12
N LEU A 509 -32.98 -18.23 22.46
CA LEU A 509 -33.89 -17.08 22.46
C LEU A 509 -34.22 -16.49 21.09
N GLY A 510 -34.03 -17.25 20.01
CA GLY A 510 -34.44 -16.85 18.64
C GLY A 510 -33.55 -15.88 17.87
N LYS A 511 -32.61 -15.21 18.55
CA LYS A 511 -31.89 -14.04 17.98
C LYS A 511 -30.88 -14.34 16.84
N ILE A 512 -30.58 -15.62 16.61
CA ILE A 512 -29.67 -16.04 15.57
C ILE A 512 -30.54 -16.52 14.42
N LEU A 513 -30.12 -16.22 13.18
CA LEU A 513 -30.82 -16.68 11.97
C LEU A 513 -29.96 -17.70 11.23
N GLN A 514 -30.45 -18.94 11.19
CA GLN A 514 -29.67 -20.10 10.76
C GLN A 514 -28.39 -20.12 11.63
N ASN A 515 -27.23 -19.80 11.07
CA ASN A 515 -26.03 -19.53 11.87
C ASN A 515 -25.47 -18.13 11.63
N HIS A 516 -26.35 -17.16 11.42
CA HIS A 516 -25.91 -15.78 11.24
C HIS A 516 -26.66 -14.90 12.23
N MET A 517 -25.96 -13.91 12.76
CA MET A 517 -26.58 -12.84 13.51
C MET A 517 -26.93 -11.76 12.51
N LEU A 518 -28.20 -11.73 12.12
CA LEU A 518 -28.71 -10.80 11.10
C LEU A 518 -28.70 -9.33 11.53
N ASP A 519 -29.11 -9.10 12.78
CA ASP A 519 -29.54 -7.80 13.31
C ASP A 519 -28.42 -7.19 14.14
N LEU A 520 -27.22 -7.22 13.60
CA LEU A 520 -26.07 -6.73 14.33
C LEU A 520 -25.92 -5.23 14.20
N ARG A 521 -25.13 -4.65 15.08
CA ARG A 521 -24.89 -3.23 15.07
C ARG A 521 -23.63 -2.96 14.25
N ILE A 522 -23.85 -2.25 13.16
CA ILE A 522 -22.78 -1.88 12.28
C ILE A 522 -21.94 -0.85 13.02
N SER A 523 -20.80 -1.26 13.55
CA SER A 523 -19.99 -0.33 14.33
C SER A 523 -18.55 -0.25 13.87
N ASN A 524 -18.20 -1.01 12.84
CA ASN A 524 -16.93 -0.79 12.06
C ASN A 524 -17.10 -1.28 10.60
N SER A 525 -16.09 -1.06 9.77
CA SER A 525 -16.21 -1.40 8.36
C SER A 525 -16.40 -2.90 8.06
N LYS A 526 -15.69 -3.77 8.79
CA LYS A 526 -15.91 -5.21 8.62
C LYS A 526 -17.38 -5.62 8.85
N LEU A 527 -18.07 -4.97 9.79
CA LEU A 527 -19.43 -5.33 10.14
C LEU A 527 -20.36 -4.82 9.06
N PHE A 528 -20.02 -3.65 8.51
CA PHE A 528 -20.75 -3.10 7.38
C PHE A 528 -20.69 -4.08 6.23
N TRP A 529 -19.51 -4.58 5.89
CA TRP A 529 -19.45 -5.52 4.78
C TRP A 529 -20.19 -6.79 5.14
N ARG A 530 -20.06 -7.26 6.37
CA ARG A 530 -20.78 -8.46 6.77
C ARG A 530 -22.28 -8.24 6.57
N ALA A 531 -22.82 -7.12 7.03
CA ALA A 531 -24.26 -6.84 6.85
C ALA A 531 -24.62 -6.95 5.38
N LEU A 532 -23.90 -6.23 4.54
CA LEU A 532 -24.12 -6.29 3.11
C LEU A 532 -24.08 -7.76 2.59
N ALA A 533 -23.06 -8.51 2.97
CA ALA A 533 -22.98 -9.92 2.52
C ALA A 533 -24.16 -10.77 2.99
N MET A 534 -24.70 -10.50 4.16
CA MET A 534 -25.89 -11.20 4.62
C MET A 534 -27.09 -10.85 3.80
N LEU A 535 -27.20 -9.59 3.38
CA LEU A 535 -28.28 -9.16 2.51
C LEU A 535 -28.22 -9.90 1.19
N GLN A 536 -27.08 -9.87 0.51
CA GLN A 536 -26.99 -10.60 -0.76
C GLN A 536 -27.38 -12.07 -0.60
N ARG A 537 -26.87 -12.74 0.43
CA ARG A 537 -27.20 -14.16 0.63
C ARG A 537 -28.70 -14.43 0.87
N PHE A 538 -29.26 -13.84 1.92
CA PHE A 538 -30.64 -14.15 2.29
C PHE A 538 -31.62 -13.74 1.20
N SER A 539 -31.37 -12.62 0.51
CA SER A 539 -32.30 -12.08 -0.49
C SER A 539 -32.10 -12.64 -1.88
N GLY A 540 -30.86 -12.93 -2.23
CA GLY A 540 -30.51 -13.39 -3.59
C GLY A 540 -30.55 -12.28 -4.63
N GLN A 541 -30.72 -11.05 -4.21
CA GLN A 541 -30.88 -9.96 -5.16
C GLN A 541 -29.52 -9.25 -5.36
N SER A 542 -29.47 -8.33 -6.32
CA SER A 542 -28.20 -7.88 -6.88
C SER A 542 -27.42 -7.08 -5.85
N LYS A 543 -26.14 -6.91 -6.14
CA LYS A 543 -25.26 -6.15 -5.27
C LYS A 543 -25.68 -4.69 -5.20
N ALA A 544 -26.05 -4.10 -6.34
CA ALA A 544 -26.46 -2.71 -6.39
C ALA A 544 -27.73 -2.51 -5.57
N ARG A 545 -28.67 -3.44 -5.74
CA ARG A 545 -29.94 -3.33 -5.06
C ARG A 545 -29.74 -3.49 -3.56
N CYS A 546 -28.86 -4.40 -3.17
CA CYS A 546 -28.61 -4.66 -1.77
C CYS A 546 -27.89 -3.48 -1.12
N ILE A 547 -26.93 -2.91 -1.82
CA ILE A 547 -26.26 -1.72 -1.32
C ILE A 547 -27.26 -0.60 -1.18
N GLU A 548 -28.16 -0.45 -2.16
CA GLU A 548 -29.10 0.67 -2.12
C GLU A 548 -30.02 0.52 -0.93
N SER A 549 -30.53 -0.68 -0.71
CA SER A 549 -31.42 -0.87 0.42
C SER A 549 -30.74 -0.61 1.78
N LEU A 550 -29.49 -1.05 1.89
CA LEU A 550 -28.73 -0.87 3.09
C LEU A 550 -28.48 0.59 3.31
N LEU A 551 -28.04 1.29 2.30
CA LEU A 551 -27.67 2.70 2.48
C LEU A 551 -28.90 3.53 2.84
N ARG A 552 -30.04 3.23 2.20
CA ARG A 552 -31.30 3.89 2.54
C ARG A 552 -31.75 3.62 3.98
N ALA A 553 -31.70 2.36 4.38
CA ALA A 553 -32.06 2.00 5.72
C ALA A 553 -31.17 2.74 6.74
N ILE A 554 -29.89 2.86 6.43
CA ILE A 554 -28.96 3.60 7.29
C ILE A 554 -29.31 5.07 7.35
N HIS A 555 -29.37 5.73 6.20
CA HIS A 555 -29.54 7.17 6.24
C HIS A 555 -30.96 7.69 6.28
N PHE A 556 -31.97 6.81 6.20
CA PHE A 556 -33.38 7.27 6.29
C PHE A 556 -33.50 8.24 7.47
N PRO A 557 -34.20 9.35 7.30
CA PRO A 557 -35.02 9.88 6.20
C PRO A 557 -34.34 10.69 5.06
N GLN A 558 -33.02 10.96 5.12
CA GLN A 558 -32.32 11.46 3.91
C GLN A 558 -32.39 10.38 2.82
N PRO A 559 -32.73 10.77 1.59
CA PRO A 559 -32.67 9.85 0.46
C PRO A 559 -31.27 9.73 -0.10
N LEU A 560 -31.05 8.72 -0.93
CA LEU A 560 -29.76 8.55 -1.61
C LEU A 560 -29.32 9.72 -2.50
N SER A 561 -28.49 10.60 -2.00
CA SER A 561 -27.72 11.50 -2.89
C SER A 561 -26.46 10.82 -3.42
N ASP A 562 -25.77 11.53 -4.30
CA ASP A 562 -24.47 11.07 -4.80
C ASP A 562 -23.39 11.19 -3.70
N ASP A 563 -23.40 12.27 -2.93
CA ASP A 563 -22.52 12.44 -1.76
C ASP A 563 -22.52 11.15 -0.92
N ILE A 564 -23.74 10.69 -0.60
CA ILE A 564 -23.96 9.53 0.21
C ILE A 564 -23.42 8.28 -0.45
N ARG A 565 -23.78 8.06 -1.71
CA ARG A 565 -23.30 6.90 -2.45
C ARG A 565 -21.78 6.78 -2.43
N ALA A 566 -21.14 7.94 -2.54
CA ALA A 566 -19.71 8.04 -2.71
C ALA A 566 -18.97 8.19 -1.40
N ALA A 567 -19.70 8.22 -0.29
CA ALA A 567 -19.07 8.51 1.01
C ALA A 567 -18.22 7.32 1.45
N PRO A 568 -17.19 7.57 2.28
CA PRO A 568 -16.34 6.53 2.83
C PRO A 568 -17.14 5.62 3.74
N ILE A 569 -16.78 4.34 3.85
CA ILE A 569 -17.59 3.44 4.65
C ILE A 569 -17.70 3.94 6.12
N SER A 570 -16.72 4.73 6.57
CA SER A 570 -16.81 5.30 7.92
C SER A 570 -18.06 6.12 8.16
N CYS A 571 -18.42 6.96 7.20
CA CYS A 571 -19.64 7.76 7.31
C CYS A 571 -20.86 6.83 7.55
N HIS A 572 -21.00 5.75 6.78
CA HIS A 572 -22.18 4.90 6.97
C HIS A 572 -22.18 4.37 8.38
N VAL A 573 -21.03 3.83 8.78
CA VAL A 573 -20.87 3.22 10.10
C VAL A 573 -21.26 4.20 11.22
N GLN A 574 -20.74 5.41 11.19
CA GLN A 574 -21.07 6.39 12.22
C GLN A 574 -22.58 6.66 12.35
N VAL A 575 -23.31 6.57 11.24
CA VAL A 575 -24.74 6.79 11.25
C VAL A 575 -25.48 5.54 11.64
N ALA A 576 -25.05 4.37 11.14
CA ALA A 576 -25.73 3.08 11.44
C ALA A 576 -25.55 2.65 12.89
N HIS A 577 -24.32 2.76 13.38
CA HIS A 577 -23.99 2.42 14.75
C HIS A 577 -25.01 2.94 15.73
N GLU A 578 -25.59 4.11 15.39
CA GLU A 578 -26.57 4.78 16.23
C GLU A 578 -27.97 4.22 16.12
N LYS A 579 -28.27 3.44 15.09
CA LYS A 579 -29.68 3.07 14.84
C LYS A 579 -30.02 1.62 15.24
N GLU A 580 -31.31 1.27 15.14
CA GLU A 580 -31.81 -0.07 15.47
C GLU A 580 -32.36 -0.79 14.26
N GLN A 581 -32.29 -2.12 14.29
CA GLN A 581 -32.88 -2.93 13.23
C GLN A 581 -32.53 -2.53 11.78
N VAL A 582 -31.42 -1.83 11.60
CA VAL A 582 -31.02 -1.36 10.27
C VAL A 582 -31.01 -2.49 9.24
N ILE A 583 -30.39 -3.60 9.57
CA ILE A 583 -30.26 -4.67 8.61
C ILE A 583 -31.58 -5.36 8.32
N PRO A 584 -32.31 -5.72 9.38
CA PRO A 584 -33.62 -6.35 9.13
C PRO A 584 -34.59 -5.46 8.33
N ILE A 585 -34.56 -4.16 8.60
CA ILE A 585 -35.35 -3.22 7.82
C ILE A 585 -34.88 -3.25 6.36
N ALA A 586 -33.57 -3.25 6.13
CA ALA A 586 -33.08 -3.23 4.75
C ALA A 586 -33.47 -4.53 4.06
N LEU A 587 -33.37 -5.64 4.77
CA LEU A 587 -33.71 -6.91 4.16
C LEU A 587 -35.21 -6.93 3.84
N LEU A 588 -36.05 -6.39 4.74
CA LEU A 588 -37.50 -6.43 4.50
C LEU A 588 -37.84 -5.60 3.25
N SER A 589 -37.37 -4.36 3.21
CA SER A 589 -37.47 -3.53 2.02
C SER A 589 -37.20 -4.36 0.78
N LEU A 590 -36.10 -5.12 0.76
CA LEU A 590 -35.70 -5.91 -0.42
C LEU A 590 -36.65 -7.04 -0.78
N LEU A 591 -37.15 -7.76 0.22
CA LEU A 591 -38.01 -8.90 -0.06
C LEU A 591 -39.40 -8.46 -0.51
N PHE A 592 -40.00 -7.52 0.22
CA PHE A 592 -41.28 -6.95 -0.15
C PHE A 592 -41.23 -5.94 -1.32
N ARG A 593 -40.02 -5.58 -1.76
CA ARG A 593 -39.78 -4.63 -2.87
C ARG A 593 -40.20 -3.22 -2.56
N CYS A 594 -40.39 -2.94 -1.28
CA CYS A 594 -41.07 -1.74 -0.86
C CYS A 594 -40.08 -0.66 -0.45
N SER A 595 -40.60 0.50 -0.06
CA SER A 595 -39.79 1.60 0.46
C SER A 595 -39.37 1.33 1.90
N ILE A 596 -38.43 2.14 2.42
CA ILE A 596 -38.00 2.05 3.80
C ILE A 596 -39.21 2.38 4.70
N THR A 597 -39.99 3.35 4.24
CA THR A 597 -41.17 3.82 4.97
C THR A 597 -42.17 2.68 5.14
N GLU A 598 -42.37 1.95 4.04
CA GLU A 598 -43.36 0.88 4.00
C GLU A 598 -42.94 -0.29 4.91
N ALA A 599 -41.64 -0.55 4.96
CA ALA A 599 -41.07 -1.68 5.69
C ALA A 599 -40.85 -1.37 7.14
N GLN A 600 -40.56 -0.13 7.49
CA GLN A 600 -40.57 0.28 8.90
C GLN A 600 -41.93 0.06 9.57
N ALA A 601 -42.98 0.32 8.81
CA ALA A 601 -44.34 0.20 9.32
C ALA A 601 -44.74 -1.26 9.31
N HIS A 602 -44.17 -2.04 8.40
CA HIS A 602 -44.37 -3.48 8.43
C HIS A 602 -43.69 -4.12 9.63
N LEU A 603 -42.50 -3.64 9.96
CA LEU A 603 -41.80 -4.13 11.13
C LEU A 603 -42.57 -3.82 12.41
N ALA A 604 -43.02 -2.58 12.54
CA ALA A 604 -43.82 -2.17 13.69
C ALA A 604 -45.23 -2.79 13.70
N ALA A 605 -45.57 -3.59 12.70
CA ALA A 605 -46.86 -4.23 12.67
C ALA A 605 -46.73 -5.75 12.77
N ALA A 606 -45.52 -6.25 13.00
CA ALA A 606 -45.34 -7.65 13.35
C ALA A 606 -44.96 -7.73 14.85
N PRO A 607 -45.27 -8.89 15.50
CA PRO A 607 -45.03 -9.03 16.94
C PRO A 607 -43.58 -8.84 17.33
N SER A 608 -42.67 -9.35 16.51
CA SER A 608 -41.25 -9.27 16.78
C SER A 608 -40.47 -9.17 15.48
N VAL A 609 -39.24 -8.67 15.63
CA VAL A 609 -38.28 -8.57 14.52
C VAL A 609 -37.98 -9.98 13.98
N CYS A 610 -37.69 -10.89 14.92
CA CYS A 610 -37.43 -12.30 14.64
C CYS A 610 -38.55 -12.91 13.78
N GLU A 611 -39.83 -12.64 14.11
CA GLU A 611 -40.97 -13.24 13.36
C GLU A 611 -41.23 -12.55 12.04
N ALA A 612 -41.10 -11.22 12.02
CA ALA A 612 -41.26 -10.47 10.77
C ALA A 612 -40.29 -10.98 9.71
N VAL A 613 -39.00 -10.98 10.06
CA VAL A 613 -37.93 -11.41 9.16
C VAL A 613 -38.10 -12.87 8.73
N ARG A 614 -38.42 -13.73 9.68
CA ARG A 614 -38.56 -15.16 9.39
C ARG A 614 -39.66 -15.51 8.36
N SER A 615 -40.74 -14.73 8.36
CA SER A 615 -41.91 -15.00 7.53
C SER A 615 -41.82 -14.24 6.23
N ALA A 616 -41.19 -13.07 6.25
CA ALA A 616 -40.84 -12.41 4.98
C ALA A 616 -39.97 -13.34 4.13
N LEU A 617 -39.17 -14.18 4.80
CA LEU A 617 -38.30 -15.09 4.10
C LEU A 617 -39.04 -16.28 3.46
N ALA A 618 -40.23 -16.65 4.00
CA ALA A 618 -41.06 -17.72 3.39
C ALA A 618 -41.42 -17.51 1.89
N MET B 13 2.26 -21.82 -10.46
CA MET B 13 3.70 -22.07 -10.79
C MET B 13 4.54 -21.01 -10.06
N PRO B 14 5.89 -21.20 -9.99
CA PRO B 14 6.72 -20.16 -9.40
C PRO B 14 7.12 -19.13 -10.46
N GLY B 15 7.01 -17.86 -10.10
CA GLY B 15 7.13 -16.74 -11.05
C GLY B 15 5.80 -16.02 -11.14
N THR B 16 4.73 -16.72 -10.77
CA THR B 16 3.36 -16.19 -10.82
C THR B 16 3.20 -14.84 -10.11
N LYS B 17 3.60 -14.78 -8.84
CA LYS B 17 3.45 -13.55 -8.08
C LYS B 17 4.18 -12.35 -8.72
N ARG B 18 5.18 -12.59 -9.55
CA ARG B 18 5.91 -11.47 -10.14
C ARG B 18 5.34 -11.02 -11.49
N PHE B 19 4.58 -11.87 -12.17
CA PHE B 19 4.11 -11.54 -13.51
C PHE B 19 2.59 -11.58 -13.70
N GLN B 20 1.79 -11.75 -12.64
CA GLN B 20 0.30 -11.75 -12.76
C GLN B 20 -0.17 -10.50 -13.46
N HIS B 21 0.31 -9.36 -13.01
CA HIS B 21 -0.24 -8.12 -13.48
C HIS B 21 -0.08 -8.00 -15.00
N VAL B 22 1.00 -8.54 -15.55
CA VAL B 22 1.36 -8.33 -16.95
C VAL B 22 0.24 -8.88 -17.80
N ILE B 23 -0.30 -8.04 -18.66
CA ILE B 23 -1.43 -8.40 -19.47
C ILE B 23 -0.98 -9.28 -20.65
N GLU B 24 -1.84 -10.23 -21.06
CA GLU B 24 -1.46 -11.23 -22.10
C GLU B 24 -1.27 -10.54 -23.41
N THR B 25 -0.39 -11.11 -24.24
CA THR B 25 -0.18 -10.64 -25.60
C THR B 25 -1.46 -10.93 -26.29
N PRO B 26 -2.14 -9.90 -26.82
CA PRO B 26 -3.36 -10.14 -27.61
C PRO B 26 -3.10 -10.93 -28.90
N GLU B 27 -4.10 -11.12 -29.75
CA GLU B 27 -3.85 -11.77 -31.04
C GLU B 27 -3.97 -10.80 -32.21
N PRO B 28 -3.28 -11.10 -33.32
CA PRO B 28 -3.19 -10.13 -34.42
C PRO B 28 -4.55 -9.49 -34.72
N GLY B 29 -4.58 -8.18 -34.92
CA GLY B 29 -5.82 -7.46 -35.18
C GLY B 29 -6.66 -7.16 -33.95
N LYS B 30 -6.54 -8.00 -32.91
CA LYS B 30 -7.32 -7.80 -31.69
C LYS B 30 -6.56 -7.01 -30.61
N TRP B 31 -5.55 -6.21 -30.94
CA TRP B 31 -4.85 -5.45 -29.89
C TRP B 31 -5.76 -4.36 -29.32
N GLU B 32 -6.55 -3.73 -30.17
CA GLU B 32 -7.53 -2.74 -29.71
C GLU B 32 -8.69 -3.41 -29.00
N LEU B 33 -9.31 -4.36 -29.69
CA LEU B 33 -10.48 -5.09 -29.19
C LEU B 33 -10.24 -5.76 -27.81
N SER B 34 -9.03 -6.26 -27.58
CA SER B 34 -8.68 -6.88 -26.30
C SER B 34 -8.76 -5.93 -25.13
N GLY B 35 -8.74 -4.62 -25.41
CA GLY B 35 -8.68 -3.60 -24.37
C GLY B 35 -7.29 -3.47 -23.79
N TYR B 36 -6.29 -3.96 -24.53
CA TYR B 36 -4.89 -3.90 -24.12
C TYR B 36 -4.38 -2.48 -24.19
N GLU B 37 -4.77 -1.81 -25.29
CA GLU B 37 -4.23 -0.51 -25.67
C GLU B 37 -4.69 0.61 -24.80
N ALA B 38 -5.88 0.47 -24.26
CA ALA B 38 -6.39 1.39 -23.25
C ALA B 38 -5.71 1.13 -21.90
N ALA B 39 -5.03 0.00 -21.76
CA ALA B 39 -4.24 -0.26 -20.55
C ALA B 39 -2.74 0.13 -20.70
N VAL B 40 -2.31 0.48 -21.90
CA VAL B 40 -0.97 1.02 -22.06
C VAL B 40 -1.05 2.47 -21.64
N PRO B 41 -0.27 2.88 -20.63
CA PRO B 41 -0.32 4.29 -20.18
C PRO B 41 0.10 5.29 -21.29
N ILE B 42 -0.34 6.56 -21.17
CA ILE B 42 -0.12 7.51 -22.28
C ILE B 42 1.37 7.68 -22.47
N THR B 43 2.04 7.86 -21.34
CA THR B 43 3.46 8.03 -21.30
C THR B 43 4.24 6.90 -21.97
N GLU B 44 3.64 5.72 -22.17
CA GLU B 44 4.34 4.62 -22.82
C GLU B 44 3.90 4.34 -24.25
N LYS B 45 2.78 4.92 -24.66
CA LYS B 45 2.17 4.54 -25.92
C LYS B 45 3.09 4.93 -27.03
N SER B 46 3.00 4.23 -28.15
CA SER B 46 3.61 4.68 -29.38
C SER B 46 2.79 5.87 -29.84
N ASN B 47 3.43 6.95 -30.28
CA ASN B 47 2.67 8.08 -30.78
C ASN B 47 2.34 7.78 -32.22
N PRO B 48 1.06 7.92 -32.61
CA PRO B 48 0.82 7.55 -34.02
C PRO B 48 1.59 8.49 -34.96
N LEU B 49 1.61 9.77 -34.63
CA LEU B 49 2.36 10.71 -35.42
C LEU B 49 3.73 10.16 -35.86
N THR B 50 4.44 9.45 -34.95
CA THR B 50 5.81 8.98 -35.21
C THR B 50 5.97 7.51 -35.53
N GLN B 51 4.88 6.85 -35.90
CA GLN B 51 4.97 5.44 -36.31
C GLN B 51 6.14 5.12 -37.28
N ASP B 52 6.42 5.99 -38.24
CA ASP B 52 7.47 5.66 -39.22
C ASP B 52 8.67 6.57 -39.10
N LEU B 53 8.94 7.00 -37.87
CA LEU B 53 10.06 7.90 -37.58
C LEU B 53 11.40 7.33 -38.04
N ASP B 54 11.54 6.00 -38.05
CA ASP B 54 12.77 5.37 -38.51
C ASP B 54 13.00 5.50 -40.03
N LYS B 55 11.96 5.90 -40.77
CA LYS B 55 12.09 6.15 -42.21
C LYS B 55 12.18 7.66 -42.58
N ALA B 56 12.13 8.54 -41.58
CA ALA B 56 12.06 9.96 -41.82
C ALA B 56 13.45 10.62 -41.91
N ASP B 57 13.54 11.68 -42.74
CA ASP B 57 14.73 12.57 -42.81
C ASP B 57 14.75 13.67 -41.74
N ALA B 58 15.88 14.35 -41.60
CA ALA B 58 16.03 15.33 -40.51
C ALA B 58 14.85 16.29 -40.48
N GLU B 59 14.61 16.96 -41.61
CA GLU B 59 13.54 17.96 -41.69
C GLU B 59 12.18 17.38 -41.26
N ASN B 60 11.85 16.16 -41.69
CA ASN B 60 10.64 15.47 -41.18
C ASN B 60 10.68 15.16 -39.68
N ILE B 61 11.86 14.77 -39.21
CA ILE B 61 12.04 14.45 -37.81
C ILE B 61 11.79 15.72 -37.01
N VAL B 62 12.30 16.83 -37.53
CA VAL B 62 12.13 18.10 -36.83
C VAL B 62 10.63 18.45 -36.77
N ARG B 63 9.92 18.10 -37.85
CA ARG B 63 8.50 18.39 -37.97
C ARG B 63 7.68 17.54 -36.99
N LEU B 64 7.93 16.23 -36.98
CA LEU B 64 7.08 15.33 -36.20
C LEU B 64 7.31 15.60 -34.73
N LEU B 65 8.57 15.74 -34.35
CA LEU B 65 8.86 16.02 -32.95
C LEU B 65 8.25 17.34 -32.55
N GLY B 66 8.25 18.29 -33.48
CA GLY B 66 7.62 19.60 -33.26
C GLY B 66 6.15 19.38 -32.96
N GLN B 67 5.51 18.55 -33.78
CA GLN B 67 4.09 18.30 -33.56
C GLN B 67 3.83 17.62 -32.23
N CYS B 68 4.69 16.66 -31.89
CA CYS B 68 4.63 16.00 -30.60
C CYS B 68 4.66 17.02 -29.44
N ASP B 69 5.52 18.03 -29.49
CA ASP B 69 5.65 19.02 -28.38
C ASP B 69 4.43 19.96 -28.33
N ALA B 70 3.96 20.33 -29.52
CA ALA B 70 2.72 21.07 -29.65
C ALA B 70 1.67 20.46 -28.75
N GLU B 71 1.62 19.13 -28.73
CA GLU B 71 0.53 18.40 -28.12
C GLU B 71 0.40 18.76 -26.66
N ILE B 72 1.52 19.14 -26.03
CA ILE B 72 1.47 19.70 -24.69
C ILE B 72 0.34 20.74 -24.51
N PHE B 73 0.04 21.49 -25.58
CA PHE B 73 -0.84 22.68 -25.53
C PHE B 73 -2.23 22.47 -26.07
N GLN B 74 -2.37 21.46 -26.90
CA GLN B 74 -3.67 21.04 -27.36
C GLN B 74 -4.78 21.08 -26.29
N GLU B 75 -5.95 21.62 -26.65
CA GLU B 75 -7.08 21.62 -25.69
C GLU B 75 -7.86 20.31 -25.75
N GLU B 76 -8.62 20.06 -24.68
CA GLU B 76 -9.43 18.84 -24.53
C GLU B 76 -10.47 18.73 -25.66
N GLY B 77 -10.71 17.52 -26.15
CA GLY B 77 -11.76 17.26 -27.15
C GLY B 77 -13.09 16.91 -26.49
N GLN B 78 -13.92 16.11 -27.16
CA GLN B 78 -15.23 15.65 -26.65
C GLN B 78 -15.55 14.23 -27.13
N SER B 81 -14.89 10.68 -22.18
CA SER B 81 -14.43 10.19 -23.46
C SER B 81 -12.94 10.57 -23.78
N THR B 82 -12.50 11.74 -23.31
CA THR B 82 -11.11 12.24 -23.50
C THR B 82 -10.44 12.57 -22.17
N TYR B 83 -9.11 12.68 -22.20
CA TYR B 83 -8.36 12.96 -21.00
C TYR B 83 -8.19 14.46 -20.76
N GLN B 84 -8.35 14.84 -19.51
CA GLN B 84 -8.16 16.21 -19.05
C GLN B 84 -6.78 16.70 -19.46
N ARG B 85 -6.65 17.99 -19.77
CA ARG B 85 -5.44 18.52 -20.35
C ARG B 85 -4.97 19.85 -19.79
N LEU B 86 -3.85 20.36 -20.32
CA LEU B 86 -3.16 21.50 -19.74
C LEU B 86 -4.06 22.72 -19.50
N TYR B 87 -4.90 23.05 -20.49
CA TYR B 87 -5.80 24.23 -20.45
C TYR B 87 -7.23 23.90 -19.95
N SER B 88 -7.49 22.63 -19.66
CA SER B 88 -8.72 22.22 -19.06
C SER B 88 -8.93 22.90 -17.72
N GLU B 89 -10.19 23.00 -17.34
CA GLU B 89 -10.59 23.85 -16.25
C GLU B 89 -10.24 23.23 -14.88
N SER B 90 -10.25 21.92 -14.79
CA SER B 90 -9.87 21.26 -13.56
C SER B 90 -8.36 21.40 -13.29
N ILE B 91 -7.56 21.22 -14.33
CA ILE B 91 -6.14 21.46 -14.22
C ILE B 91 -5.83 22.91 -13.79
N LEU B 92 -6.40 23.91 -14.48
CA LEU B 92 -6.14 25.28 -14.09
C LEU B 92 -6.63 25.48 -12.67
N THR B 93 -7.79 24.96 -12.35
CA THR B 93 -8.20 24.98 -10.94
C THR B 93 -7.11 24.32 -10.05
N THR B 94 -6.65 23.10 -10.35
CA THR B 94 -5.62 22.54 -9.47
C THR B 94 -4.40 23.49 -9.37
N MET B 95 -3.99 24.03 -10.50
CA MET B 95 -2.78 24.82 -10.53
C MET B 95 -2.87 25.97 -9.55
N VAL B 96 -4.03 26.62 -9.48
CA VAL B 96 -4.12 27.84 -8.73
C VAL B 96 -4.35 27.57 -7.22
N GLN B 97 -5.04 26.48 -6.92
CA GLN B 97 -5.23 26.13 -5.52
C GLN B 97 -3.83 25.83 -4.91
N VAL B 98 -3.00 25.16 -5.70
CA VAL B 98 -1.65 24.84 -5.28
C VAL B 98 -0.79 26.08 -5.09
N ALA B 99 -0.70 26.91 -6.14
CA ALA B 99 -0.07 28.25 -6.02
C ALA B 99 -0.53 28.89 -4.71
N GLY B 100 -1.81 28.73 -4.42
CA GLY B 100 -2.41 29.28 -3.22
C GLY B 100 -1.76 28.72 -1.98
N LYS B 101 -1.59 27.41 -1.98
CA LYS B 101 -0.95 26.74 -0.85
C LYS B 101 0.56 27.06 -0.77
N VAL B 102 1.21 27.19 -1.91
CA VAL B 102 2.58 27.66 -1.92
C VAL B 102 2.63 29.04 -1.32
N GLN B 103 1.60 29.85 -1.61
CA GLN B 103 1.56 31.22 -1.12
C GLN B 103 1.47 31.28 0.40
N GLU B 104 0.68 30.40 1.01
CA GLU B 104 0.62 30.36 2.46
C GLU B 104 2.04 30.23 2.97
N VAL B 105 2.83 29.34 2.37
CA VAL B 105 4.20 29.13 2.84
C VAL B 105 5.07 30.32 2.54
N LEU B 106 4.96 30.89 1.35
CA LEU B 106 5.72 32.11 1.00
C LEU B 106 5.65 33.19 2.09
N LYS B 107 4.47 33.38 2.65
CA LYS B 107 4.29 34.36 3.72
C LYS B 107 4.85 33.95 5.09
N GLU B 108 5.02 32.66 5.34
CA GLU B 108 5.41 32.17 6.66
C GLU B 108 6.74 31.42 6.65
N PRO B 109 7.82 32.05 6.14
CA PRO B 109 9.08 31.29 5.98
C PRO B 109 9.70 30.62 7.24
N ASP B 110 9.41 31.08 8.46
CA ASP B 110 9.94 30.39 9.64
C ASP B 110 9.38 28.98 9.58
N GLY B 111 10.27 28.03 9.34
CA GLY B 111 9.90 26.61 9.28
C GLY B 111 9.32 26.09 7.97
N GLY B 112 9.22 26.94 6.96
CA GLY B 112 8.60 26.58 5.70
C GLY B 112 9.67 25.92 4.88
N LEU B 113 9.29 24.99 4.00
CA LEU B 113 10.16 24.47 2.94
C LEU B 113 9.33 24.12 1.73
N VAL B 114 9.90 24.17 0.53
CA VAL B 114 9.21 23.65 -0.65
C VAL B 114 10.15 22.75 -1.40
N VAL B 115 9.71 21.52 -1.61
CA VAL B 115 10.58 20.48 -2.11
C VAL B 115 10.09 20.07 -3.48
N LEU B 116 11.02 19.99 -4.42
CA LEU B 116 10.78 19.49 -5.75
C LEU B 116 11.60 18.23 -5.85
N SER B 117 10.99 17.12 -6.30
CA SER B 117 11.59 15.79 -6.15
C SER B 117 11.29 14.89 -7.31
N GLY B 118 12.29 14.19 -7.83
CA GLY B 118 12.01 13.24 -8.91
C GLY B 118 13.15 12.31 -9.20
N GLY B 119 12.89 11.30 -10.00
CA GLY B 119 13.96 10.42 -10.46
C GLY B 119 14.33 10.86 -11.86
N GLY B 120 15.58 10.61 -12.28
CA GLY B 120 15.98 10.90 -13.67
C GLY B 120 15.71 12.36 -14.01
N THR B 121 15.32 12.59 -15.27
CA THR B 121 15.10 13.91 -15.80
C THR B 121 14.08 14.68 -15.01
N SER B 122 13.15 13.97 -14.36
CA SER B 122 12.20 14.66 -13.51
C SER B 122 13.01 15.26 -12.42
N GLY B 123 13.98 14.52 -11.90
CA GLY B 123 14.86 15.04 -10.85
C GLY B 123 15.70 16.20 -11.39
N ARG B 124 16.27 16.03 -12.58
CA ARG B 124 17.05 17.08 -13.18
C ARG B 124 16.22 18.36 -13.32
N MET B 125 14.94 18.23 -13.70
CA MET B 125 14.06 19.40 -13.82
C MET B 125 13.70 19.99 -12.47
N ALA B 126 13.69 19.19 -11.41
CA ALA B 126 13.42 19.74 -10.08
C ALA B 126 14.60 20.63 -9.69
N PHE B 127 15.80 20.22 -10.05
CA PHE B 127 16.98 20.94 -9.63
C PHE B 127 16.97 22.32 -10.26
N LEU B 128 16.92 22.39 -11.58
CA LEU B 128 16.76 23.66 -12.28
C LEU B 128 15.75 24.61 -11.59
N MET B 129 14.54 24.17 -11.42
CA MET B 129 13.53 25.08 -10.90
C MET B 129 13.79 25.58 -9.50
N SER B 130 14.28 24.72 -8.61
CA SER B 130 14.68 25.15 -7.25
C SER B 130 15.72 26.32 -7.25
N VAL B 131 16.74 26.22 -8.09
CA VAL B 131 17.71 27.27 -8.29
C VAL B 131 17.09 28.57 -8.82
N SER B 132 16.20 28.43 -9.80
CA SER B 132 15.51 29.60 -10.35
C SER B 132 14.62 30.28 -9.29
N PHE B 133 13.78 29.54 -8.58
CA PHE B 133 12.92 30.20 -7.58
C PHE B 133 13.65 30.61 -6.30
N ASN B 134 14.86 30.09 -6.13
CA ASN B 134 15.75 30.63 -5.10
C ASN B 134 16.47 31.91 -5.60
N GLN B 135 17.00 31.92 -6.83
CA GLN B 135 17.49 33.15 -7.41
C GLN B 135 16.45 34.30 -7.22
N LEU B 136 15.17 33.95 -7.29
CA LEU B 136 14.08 34.94 -7.23
C LEU B 136 13.77 35.46 -5.83
N MET B 137 13.82 34.61 -4.82
CA MET B 137 13.66 35.12 -3.45
C MET B 137 14.94 35.84 -2.95
N LYS B 138 16.06 35.57 -3.63
CA LYS B 138 17.31 36.28 -3.39
C LYS B 138 17.14 37.71 -3.87
N GLY B 139 16.83 37.90 -5.14
CA GLY B 139 16.53 39.22 -5.67
C GLY B 139 15.39 40.01 -4.98
N LEU B 140 14.80 39.49 -3.89
CA LEU B 140 13.89 40.27 -3.07
C LEU B 140 14.32 40.24 -1.60
N GLY B 141 15.57 39.84 -1.39
CA GLY B 141 16.09 39.60 -0.06
C GLY B 141 15.12 38.89 0.83
N GLN B 142 14.62 37.74 0.37
CA GLN B 142 13.90 36.79 1.23
C GLN B 142 14.78 35.57 1.45
N LYS B 143 14.68 34.97 2.63
CA LYS B 143 15.19 33.61 2.91
C LYS B 143 14.67 32.58 1.86
N PRO B 144 15.55 32.04 1.00
CA PRO B 144 15.10 31.07 -0.01
C PRO B 144 14.46 29.81 0.62
N LEU B 145 13.42 29.27 -0.01
CA LEU B 145 12.61 28.19 0.56
C LEU B 145 12.60 26.91 -0.25
N TYR B 146 13.29 26.89 -1.37
CA TYR B 146 13.19 25.83 -2.33
C TYR B 146 14.43 24.99 -2.28
N THR B 147 14.24 23.72 -2.59
CA THR B 147 15.28 22.72 -2.59
C THR B 147 14.79 21.54 -3.41
N TYR B 148 15.71 20.66 -3.73
CA TYR B 148 15.41 19.59 -4.65
C TYR B 148 15.90 18.22 -4.11
N LEU B 149 15.24 17.16 -4.56
CA LEU B 149 15.61 15.78 -4.25
C LEU B 149 15.61 15.04 -5.58
N ILE B 150 16.70 14.36 -5.89
CA ILE B 150 16.74 13.51 -7.04
C ILE B 150 17.22 12.11 -6.63
N ALA B 151 16.56 11.06 -7.10
CA ALA B 151 16.99 9.67 -6.85
C ALA B 151 18.47 9.54 -7.14
N GLY B 152 19.22 9.23 -6.10
CA GLY B 152 20.63 8.91 -6.17
C GLY B 152 21.48 9.96 -5.48
N GLY B 153 20.80 10.88 -4.78
CA GLY B 153 21.37 12.15 -4.35
C GLY B 153 21.97 12.96 -5.47
N ASP B 154 22.67 14.02 -5.08
CA ASP B 154 23.02 15.11 -5.98
C ASP B 154 23.96 14.73 -7.08
N ARG B 155 24.69 13.64 -6.94
CA ARG B 155 25.53 13.23 -8.09
C ARG B 155 24.64 12.92 -9.31
N SER B 156 23.40 12.44 -9.07
CA SER B 156 22.49 12.05 -10.16
C SER B 156 22.11 13.13 -11.17
N VAL B 157 22.33 14.39 -10.82
CA VAL B 157 21.84 15.53 -11.57
C VAL B 157 22.50 15.64 -12.91
N VAL B 158 23.78 15.28 -12.98
CA VAL B 158 24.50 15.35 -14.26
C VAL B 158 24.98 13.99 -14.75
N ALA B 159 24.55 12.90 -14.12
CA ALA B 159 24.99 11.58 -14.57
C ALA B 159 23.80 10.72 -14.98
N SER B 160 24.09 9.62 -15.66
CA SER B 160 23.07 8.60 -15.91
C SER B 160 23.06 7.59 -14.78
N ARG B 161 21.93 7.43 -14.12
CA ARG B 161 21.87 6.60 -12.97
C ARG B 161 20.44 6.07 -12.79
N GLU B 162 19.99 5.34 -13.81
CA GLU B 162 18.56 4.95 -13.96
C GLU B 162 18.09 3.97 -12.90
N GLY B 163 19.02 3.28 -12.23
CA GLY B 163 18.68 2.33 -11.16
C GLY B 163 18.29 2.86 -9.79
N THR B 164 18.36 4.16 -9.60
CA THR B 164 18.26 4.76 -8.28
C THR B 164 16.81 5.05 -7.84
N GLU B 165 15.89 5.00 -8.80
CA GLU B 165 14.49 5.38 -8.57
C GLU B 165 13.61 4.29 -7.96
N ASP B 166 14.15 3.07 -7.89
CA ASP B 166 13.31 1.90 -7.63
C ASP B 166 13.06 1.68 -6.16
N SER B 167 13.59 2.51 -5.28
CA SER B 167 13.39 2.27 -3.85
C SER B 167 12.56 3.35 -3.23
N ALA B 168 11.48 2.95 -2.61
CA ALA B 168 10.61 3.89 -1.98
C ALA B 168 11.20 4.44 -0.73
N LEU B 169 12.07 3.67 -0.06
CA LEU B 169 12.62 4.09 1.25
C LEU B 169 13.76 5.04 1.06
N HIS B 170 14.55 4.81 0.03
CA HIS B 170 15.51 5.80 -0.38
C HIS B 170 14.84 7.16 -0.48
N GLY B 171 13.66 7.20 -1.10
CA GLY B 171 12.91 8.45 -1.31
C GLY B 171 12.53 9.07 0.02
N ILE B 172 12.09 8.22 0.92
CA ILE B 172 11.66 8.67 2.20
C ILE B 172 12.81 9.10 3.09
N GLU B 173 14.00 8.52 2.92
CA GLU B 173 15.16 8.97 3.72
C GLU B 173 15.58 10.38 3.27
N GLU B 174 15.78 10.57 1.97
CA GLU B 174 16.17 11.87 1.45
C GLU B 174 15.23 13.01 1.88
N LEU B 175 13.93 12.73 1.98
CA LEU B 175 12.93 13.73 2.37
C LEU B 175 12.98 13.94 3.88
N LYS B 176 13.04 12.85 4.65
CA LYS B 176 13.13 13.00 6.11
C LYS B 176 14.35 13.84 6.47
N LYS B 177 15.42 13.72 5.69
CA LYS B 177 16.65 14.49 5.93
C LYS B 177 16.39 15.95 5.74
N VAL B 178 16.05 16.30 4.51
CA VAL B 178 15.89 17.69 4.10
C VAL B 178 14.75 18.44 4.84
N ALA B 179 13.81 17.71 5.44
CA ALA B 179 12.63 18.34 6.09
C ALA B 179 12.64 18.26 7.62
N ALA B 180 13.75 17.81 8.19
CA ALA B 180 13.87 17.56 9.63
C ALA B 180 13.64 18.85 10.45
N GLY B 181 12.77 18.74 11.48
CA GLY B 181 12.37 19.87 12.29
C GLY B 181 11.92 21.12 11.53
N LYS B 182 11.15 20.96 10.45
CA LYS B 182 10.46 22.07 9.80
C LYS B 182 9.03 21.86 10.18
N LYS B 183 8.22 22.90 10.02
CA LYS B 183 6.82 22.86 10.44
C LYS B 183 5.85 22.72 9.27
N ARG B 184 6.14 23.38 8.14
CA ARG B 184 5.33 23.26 6.92
C ARG B 184 6.19 22.95 5.70
N VAL B 185 5.93 21.81 5.08
CA VAL B 185 6.68 21.34 3.92
C VAL B 185 5.75 20.99 2.79
N ILE B 186 5.84 21.72 1.68
CA ILE B 186 5.20 21.30 0.43
C ILE B 186 6.15 20.42 -0.39
N VAL B 187 5.65 19.24 -0.75
CA VAL B 187 6.42 18.23 -1.44
C VAL B 187 5.80 18.06 -2.81
N ILE B 188 6.54 18.42 -3.84
CA ILE B 188 6.04 18.23 -5.17
C ILE B 188 6.79 17.05 -5.77
N GLY B 189 6.12 15.90 -5.77
CA GLY B 189 6.71 14.69 -6.28
C GLY B 189 6.39 14.61 -7.74
N ILE B 190 7.43 14.57 -8.55
CA ILE B 190 7.28 14.55 -9.98
C ILE B 190 7.64 13.19 -10.59
N SER B 191 6.69 12.54 -11.26
CA SER B 191 7.02 11.34 -12.01
C SER B 191 6.10 11.33 -13.19
N VAL B 192 6.67 11.48 -14.38
CA VAL B 192 5.90 11.64 -15.57
C VAL B 192 4.94 10.50 -15.75
N GLY B 193 5.39 9.26 -15.55
CA GLY B 193 4.50 8.11 -15.73
C GLY B 193 3.56 7.87 -14.54
N LEU B 194 3.67 8.67 -13.48
CA LEU B 194 3.09 8.34 -12.20
C LEU B 194 3.61 6.95 -11.85
N SER B 195 4.92 6.89 -11.61
CA SER B 195 5.69 5.66 -11.73
C SER B 195 6.83 5.39 -10.74
N ALA B 196 7.64 6.39 -10.41
CA ALA B 196 8.84 6.16 -9.61
C ALA B 196 8.50 5.79 -8.15
N PRO B 197 9.06 4.68 -7.63
CA PRO B 197 9.02 4.38 -6.19
C PRO B 197 9.63 5.47 -5.31
N PHE B 198 10.73 6.05 -5.79
CA PHE B 198 11.33 7.23 -5.13
C PHE B 198 10.23 8.19 -4.69
N VAL B 199 9.31 8.54 -5.62
CA VAL B 199 8.27 9.53 -5.35
C VAL B 199 7.11 8.87 -4.64
N ALA B 200 6.77 7.66 -5.05
CA ALA B 200 5.66 6.95 -4.45
C ALA B 200 5.78 6.93 -2.93
N GLY B 201 6.94 6.57 -2.42
CA GLY B 201 7.13 6.58 -0.97
C GLY B 201 6.91 7.94 -0.34
N GLN B 202 7.54 8.97 -0.92
CA GLN B 202 7.45 10.35 -0.40
C GLN B 202 6.02 10.83 -0.28
N MET B 203 5.26 10.66 -1.37
CA MET B 203 3.89 11.13 -1.37
C MET B 203 3.13 10.42 -0.28
N ASP B 204 3.32 9.10 -0.16
CA ASP B 204 2.55 8.25 0.78
C ASP B 204 2.88 8.60 2.24
N CYS B 205 4.16 8.83 2.47
CA CYS B 205 4.66 9.31 3.71
C CYS B 205 3.97 10.59 4.11
N CYS B 206 3.92 11.53 3.16
CA CYS B 206 3.32 12.86 3.42
C CYS B 206 1.94 12.71 3.93
N MET B 207 1.14 11.88 3.30
CA MET B 207 -0.26 11.76 3.70
C MET B 207 -0.40 11.27 5.15
N ASN B 208 0.62 10.62 5.70
CA ASN B 208 0.52 10.17 7.08
C ASN B 208 0.71 11.32 8.08
N ASN B 209 1.20 12.46 7.62
CA ASN B 209 1.40 13.61 8.51
C ASN B 209 1.07 14.94 7.79
N THR B 210 -0.24 15.21 7.71
CA THR B 210 -0.75 16.32 6.90
C THR B 210 -0.59 17.62 7.63
N ALA B 211 -0.61 17.57 8.96
CA ALA B 211 -0.27 18.74 9.79
C ALA B 211 1.05 19.42 9.37
N VAL B 212 2.02 18.68 8.85
CA VAL B 212 3.29 19.22 8.39
C VAL B 212 3.49 19.19 6.88
N PHE B 213 3.02 18.11 6.26
CA PHE B 213 3.26 17.90 4.84
C PHE B 213 2.04 18.17 3.97
N LEU B 214 2.29 18.79 2.82
CA LEU B 214 1.36 18.85 1.70
C LEU B 214 1.97 18.17 0.44
N PRO B 215 1.41 17.03 0.04
CA PRO B 215 1.93 16.40 -1.15
C PRO B 215 1.23 16.83 -2.37
N VAL B 216 1.99 17.13 -3.41
CA VAL B 216 1.50 17.51 -4.69
C VAL B 216 2.15 16.62 -5.72
N LEU B 217 1.36 15.73 -6.31
CA LEU B 217 1.84 14.78 -7.28
C LEU B 217 1.69 15.34 -8.65
N VAL B 218 2.74 15.28 -9.44
CA VAL B 218 2.71 15.92 -10.74
C VAL B 218 3.25 14.95 -11.73
N GLY B 219 2.46 14.67 -12.77
CA GLY B 219 2.88 13.79 -13.88
C GLY B 219 1.87 13.89 -15.00
N PHE B 220 1.88 12.95 -15.93
CA PHE B 220 1.11 13.07 -17.18
C PHE B 220 0.39 11.81 -17.66
N ASN B 221 -0.28 11.16 -16.74
CA ASN B 221 -1.15 10.05 -17.03
C ASN B 221 -2.28 10.24 -16.05
N PRO B 222 -3.47 9.83 -16.47
CA PRO B 222 -4.57 9.82 -15.53
C PRO B 222 -4.31 8.86 -14.38
N VAL B 223 -4.89 9.15 -13.23
CA VAL B 223 -4.71 8.26 -12.09
C VAL B 223 -5.10 6.84 -12.43
N SER B 224 -6.07 6.65 -13.32
CA SER B 224 -6.51 5.29 -13.66
C SER B 224 -5.43 4.45 -14.39
N MET B 225 -4.36 5.10 -14.86
CA MET B 225 -3.25 4.45 -15.57
C MET B 225 -1.92 4.66 -14.84
N ALA B 226 -1.99 4.94 -13.53
CA ALA B 226 -0.81 5.03 -12.70
C ALA B 226 -0.29 3.64 -12.42
N ARG B 227 1.04 3.51 -12.36
CA ARG B 227 1.73 2.24 -12.22
C ARG B 227 1.19 1.51 -11.03
N ASN B 228 0.92 0.23 -11.24
CA ASN B 228 0.25 -0.53 -10.23
C ASN B 228 0.90 -1.90 -9.97
N ASP B 229 2.19 -2.04 -10.22
CA ASP B 229 2.92 -3.26 -9.91
C ASP B 229 3.65 -3.11 -8.58
N PRO B 230 3.82 -4.21 -7.83
CA PRO B 230 4.30 -4.07 -6.45
C PRO B 230 5.66 -3.45 -6.47
N ILE B 231 5.94 -2.60 -5.50
CA ILE B 231 7.22 -1.92 -5.36
C ILE B 231 8.04 -2.71 -4.41
N GLU B 232 9.29 -2.92 -4.75
CA GLU B 232 10.02 -3.93 -4.07
C GLU B 232 10.06 -3.70 -2.56
N ASP B 233 10.21 -2.46 -2.11
CA ASP B 233 10.25 -2.19 -0.66
C ASP B 233 9.03 -1.39 -0.13
N TRP B 234 7.83 -1.74 -0.58
CA TRP B 234 6.69 -0.93 -0.23
C TRP B 234 5.41 -1.72 -0.51
N SER B 235 4.43 -1.60 0.37
CA SER B 235 3.26 -2.47 0.29
C SER B 235 2.21 -1.93 -0.67
N SER B 236 2.14 -0.62 -0.82
CA SER B 236 1.23 -0.01 -1.77
C SER B 236 1.91 0.38 -3.08
N THR B 237 1.07 0.66 -4.05
CA THR B 237 1.38 0.66 -5.44
C THR B 237 1.22 2.15 -5.80
N PHE B 238 1.86 2.66 -6.85
CA PHE B 238 1.75 4.11 -7.17
C PHE B 238 0.28 4.57 -7.37
N ARG B 239 -0.48 3.79 -8.11
CA ARG B 239 -1.92 3.96 -8.24
C ARG B 239 -2.73 4.05 -6.93
N GLN B 240 -2.31 3.40 -5.85
CA GLN B 240 -3.14 3.45 -4.63
C GLN B 240 -2.84 4.73 -3.89
N VAL B 241 -1.58 5.16 -4.01
CA VAL B 241 -1.12 6.46 -3.49
C VAL B 241 -1.77 7.58 -4.28
N ALA B 242 -1.74 7.51 -5.59
CA ALA B 242 -2.41 8.54 -6.40
C ALA B 242 -3.88 8.60 -6.09
N GLU B 243 -4.52 7.43 -6.02
CA GLU B 243 -5.96 7.34 -5.76
C GLU B 243 -6.27 7.99 -4.43
N ARG B 244 -5.42 7.78 -3.42
CA ARG B 244 -5.70 8.30 -2.08
C ARG B 244 -5.46 9.82 -1.98
N MET B 245 -4.46 10.31 -2.72
CA MET B 245 -4.17 11.71 -2.83
C MET B 245 -5.33 12.46 -3.53
N GLN B 246 -5.85 11.91 -4.62
CA GLN B 246 -7.08 12.45 -5.25
C GLN B 246 -8.28 12.61 -4.31
N LYS B 247 -8.57 11.66 -3.43
CA LYS B 247 -9.70 11.89 -2.51
C LYS B 247 -9.33 12.93 -1.50
N MET B 248 -8.05 13.06 -1.19
CA MET B 248 -7.65 14.08 -0.26
C MET B 248 -7.66 15.48 -0.90
N GLN B 249 -7.60 15.59 -2.22
CA GLN B 249 -7.67 16.90 -2.88
C GLN B 249 -8.96 17.66 -2.50
N GLU B 250 -10.06 16.95 -2.28
CA GLU B 250 -11.36 17.54 -1.87
C GLU B 250 -11.31 18.35 -0.60
N LYS B 251 -10.51 17.92 0.38
CA LYS B 251 -10.22 18.77 1.55
C LYS B 251 -8.89 19.54 1.37
N GLN B 252 -8.47 19.81 0.13
CA GLN B 252 -7.15 20.44 -0.15
C GLN B 252 -5.95 20.01 0.75
N LYS B 253 -5.84 18.72 0.98
CA LYS B 253 -4.79 18.15 1.79
C LYS B 253 -3.74 17.46 0.93
N ALA B 254 -4.11 17.13 -0.31
CA ALA B 254 -3.17 16.75 -1.36
C ALA B 254 -3.61 17.25 -2.75
N PHE B 255 -2.74 17.11 -3.73
CA PHE B 255 -3.09 17.49 -5.08
C PHE B 255 -2.54 16.48 -6.08
N VAL B 256 -3.34 16.19 -7.10
CA VAL B 256 -2.89 15.40 -8.19
C VAL B 256 -3.03 16.28 -9.38
N LEU B 257 -1.92 16.52 -10.07
CA LEU B 257 -1.84 17.51 -11.11
C LEU B 257 -1.28 16.85 -12.37
N ASN B 258 -2.20 16.33 -13.17
CA ASN B 258 -1.84 15.36 -14.20
C ASN B 258 -2.55 15.54 -15.55
N PRO B 259 -2.22 16.60 -16.28
CA PRO B 259 -2.76 16.78 -17.62
C PRO B 259 -2.18 15.74 -18.55
N ALA B 260 -2.89 15.31 -19.57
CA ALA B 260 -2.33 14.42 -20.59
C ALA B 260 -1.75 15.27 -21.68
N ILE B 261 -0.49 15.04 -21.97
CA ILE B 261 0.15 15.76 -23.04
C ILE B 261 0.31 14.93 -24.29
N GLY B 262 -0.19 13.72 -24.27
CA GLY B 262 -0.03 12.86 -25.41
C GLY B 262 1.27 12.11 -25.32
N PRO B 263 1.33 10.94 -25.95
CA PRO B 263 2.51 10.12 -25.90
C PRO B 263 3.74 10.78 -26.45
N GLU B 264 4.90 10.19 -26.14
CA GLU B 264 6.21 10.69 -26.64
C GLU B 264 6.52 10.28 -28.07
N GLY B 265 7.18 11.17 -28.77
CA GLY B 265 7.61 10.91 -30.15
C GLY B 265 8.58 9.76 -30.28
N LEU B 266 9.31 9.46 -29.20
CA LEU B 266 10.07 8.22 -29.05
C LEU B 266 9.51 7.58 -27.79
N SER B 267 8.84 6.46 -27.98
CA SER B 267 7.93 5.88 -26.99
C SER B 267 8.67 5.75 -25.72
N GLY B 268 8.10 6.31 -24.65
CA GLY B 268 8.70 6.18 -23.35
C GLY B 268 9.87 7.07 -23.04
N SER B 269 10.30 7.92 -23.98
CA SER B 269 11.39 8.86 -23.70
C SER B 269 10.84 10.09 -22.97
N SER B 270 10.53 9.94 -21.68
CA SER B 270 9.85 10.98 -20.89
C SER B 270 10.76 12.12 -20.46
N ARG B 271 12.02 12.09 -20.88
CA ARG B 271 12.93 13.25 -20.80
C ARG B 271 12.38 14.38 -21.66
N MET B 272 11.80 13.98 -22.79
CA MET B 272 11.25 14.90 -23.77
C MET B 272 9.96 15.54 -23.25
N LYS B 273 8.79 15.28 -23.84
CA LYS B 273 7.63 16.08 -23.53
C LYS B 273 7.40 16.21 -22.05
N GLY B 274 7.52 15.09 -21.33
CA GLY B 274 7.23 15.09 -19.89
C GLY B 274 8.15 16.03 -19.15
N GLY B 275 9.39 16.09 -19.63
CA GLY B 275 10.40 17.00 -19.10
C GLY B 275 10.04 18.44 -19.34
N SER B 276 9.84 18.76 -20.62
CA SER B 276 9.30 20.04 -21.01
C SER B 276 8.04 20.43 -20.22
N ALA B 277 7.05 19.56 -20.15
CA ALA B 277 5.76 19.94 -19.50
C ALA B 277 5.87 20.08 -18.02
N THR B 278 6.80 19.36 -17.39
CA THR B 278 7.07 19.55 -15.95
C THR B 278 7.47 21.01 -15.70
N LYS B 279 8.42 21.46 -16.50
CA LYS B 279 8.89 22.85 -16.46
C LYS B 279 7.73 23.77 -16.67
N ILE B 280 7.06 23.55 -17.79
CA ILE B 280 5.95 24.41 -18.18
C ILE B 280 4.93 24.53 -17.04
N LEU B 281 4.58 23.40 -16.45
CA LEU B 281 3.49 23.37 -15.50
C LEU B 281 3.90 24.08 -14.20
N LEU B 282 5.10 23.76 -13.70
CA LEU B 282 5.50 24.23 -12.37
C LEU B 282 6.17 25.63 -12.36
N GLU B 283 6.85 26.01 -13.45
CA GLU B 283 7.35 27.37 -13.60
C GLU B 283 6.12 28.30 -13.64
N THR B 284 5.23 28.08 -14.60
CA THR B 284 3.97 28.77 -14.60
C THR B 284 3.42 28.87 -13.17
N LEU B 285 3.16 27.73 -12.57
CA LEU B 285 2.39 27.68 -11.35
C LEU B 285 3.08 28.40 -10.21
N LEU B 286 4.39 28.29 -10.17
CA LEU B 286 5.15 28.87 -9.07
C LEU B 286 5.47 30.33 -9.31
N LEU B 287 5.74 30.71 -10.56
CA LEU B 287 5.95 32.11 -10.86
C LEU B 287 4.71 32.91 -10.45
N ALA B 288 3.56 32.43 -10.90
CA ALA B 288 2.29 32.97 -10.50
C ALA B 288 2.28 33.18 -9.01
N ALA B 289 2.48 32.12 -8.25
CA ALA B 289 2.34 32.22 -6.81
C ALA B 289 3.14 33.40 -6.18
N HIS B 290 4.29 33.75 -6.75
CA HIS B 290 5.15 34.81 -6.21
C HIS B 290 4.62 36.19 -6.68
N LYS B 291 4.65 36.40 -8.00
CA LYS B 291 3.99 37.52 -8.66
C LYS B 291 2.65 38.02 -8.10
N THR B 292 1.79 37.14 -7.61
CA THR B 292 0.42 37.52 -7.20
C THR B 292 0.14 37.19 -5.75
N VAL B 293 1.08 37.41 -4.84
CA VAL B 293 0.74 37.28 -3.42
C VAL B 293 -0.16 38.47 -3.06
N ASP B 294 -1.10 38.21 -2.16
CA ASP B 294 -2.00 39.27 -1.66
C ASP B 294 -2.92 39.96 -2.71
N GLN B 295 -2.94 39.50 -3.96
CA GLN B 295 -3.81 40.08 -4.99
C GLN B 295 -5.01 39.18 -5.35
N GLY B 296 -5.49 38.40 -4.38
CA GLY B 296 -6.65 37.54 -4.57
C GLY B 296 -6.45 36.44 -5.61
N ILE B 297 -7.39 35.50 -5.63
CA ILE B 297 -7.32 34.33 -6.51
C ILE B 297 -7.43 34.69 -8.00
N ALA B 298 -8.29 35.64 -8.34
CA ALA B 298 -8.54 36.02 -9.75
C ALA B 298 -7.23 36.42 -10.41
N ALA B 299 -6.43 37.21 -9.72
CA ALA B 299 -5.13 37.63 -10.25
C ALA B 299 -4.28 36.41 -10.61
N SER B 300 -4.25 35.41 -9.72
CA SER B 300 -3.48 34.19 -9.93
C SER B 300 -3.86 33.49 -11.26
N GLN B 301 -5.15 33.41 -11.59
CA GLN B 301 -5.60 32.69 -12.79
C GLN B 301 -5.21 33.42 -14.09
N ARG B 302 -5.32 34.74 -14.06
CA ARG B 302 -4.91 35.56 -15.19
C ARG B 302 -3.41 35.38 -15.43
N CYS B 303 -2.67 35.29 -14.34
CA CYS B 303 -1.24 35.11 -14.43
C CYS B 303 -0.87 33.70 -14.93
N LEU B 304 -1.57 32.67 -14.47
CA LEU B 304 -1.32 31.32 -14.98
C LEU B 304 -1.51 31.33 -16.48
N LEU B 305 -2.64 31.89 -16.91
CA LEU B 305 -2.95 31.90 -18.32
C LEU B 305 -1.98 32.76 -19.13
N GLU B 306 -1.58 33.92 -18.60
CA GLU B 306 -0.58 34.74 -19.28
C GLU B 306 0.62 33.84 -19.56
N ILE B 307 1.16 33.25 -18.52
CA ILE B 307 2.42 32.52 -18.63
C ILE B 307 2.38 31.29 -19.56
N LEU B 308 1.32 30.52 -19.46
CA LEU B 308 1.17 29.37 -20.34
C LEU B 308 1.19 29.79 -21.79
N ARG B 309 0.43 30.84 -22.12
CA ARG B 309 0.35 31.27 -23.55
C ARG B 309 1.70 31.79 -24.05
N THR B 310 2.50 32.38 -23.15
CA THR B 310 3.88 32.62 -23.47
C THR B 310 4.65 31.33 -23.80
N PHE B 311 4.60 30.35 -22.92
CA PHE B 311 5.24 29.08 -23.23
C PHE B 311 4.68 28.53 -24.55
N GLU B 312 3.38 28.62 -24.77
CA GLU B 312 2.86 28.09 -26.02
C GLU B 312 3.45 28.88 -27.21
N ARG B 313 3.67 30.17 -26.99
CA ARG B 313 4.25 31.06 -28.00
C ARG B 313 5.65 30.55 -28.30
N ALA B 314 6.39 30.29 -27.21
CA ALA B 314 7.76 29.79 -27.25
C ALA B 314 7.90 28.53 -28.06
N HIS B 315 6.90 27.69 -28.03
CA HIS B 315 6.98 26.56 -28.89
C HIS B 315 7.15 26.96 -30.34
N GLN B 316 6.22 27.77 -30.89
CA GLN B 316 6.30 28.14 -32.34
C GLN B 316 7.46 29.07 -32.57
N VAL B 317 7.71 29.96 -31.64
CA VAL B 317 8.95 30.70 -31.65
C VAL B 317 10.17 29.81 -31.93
N THR B 318 10.26 28.68 -31.24
CA THR B 318 11.42 27.78 -31.40
C THR B 318 11.35 27.02 -32.72
N TYR B 319 10.20 26.46 -33.03
CA TYR B 319 10.12 25.52 -34.14
C TYR B 319 10.02 26.22 -35.46
N SER B 320 9.84 27.54 -35.45
CA SER B 320 10.02 28.39 -36.65
C SER B 320 11.42 28.24 -37.30
N GLN B 321 12.42 27.90 -36.48
CA GLN B 321 13.74 27.55 -36.97
C GLN B 321 13.90 26.11 -37.45
N SER B 322 12.82 25.41 -37.77
CA SER B 322 12.97 24.01 -38.15
C SER B 322 14.07 23.75 -39.18
N PRO B 323 14.05 24.42 -40.34
CA PRO B 323 15.00 23.99 -41.39
C PRO B 323 16.47 24.04 -40.97
N LYS B 324 16.80 24.97 -40.06
CA LYS B 324 18.17 25.10 -39.56
C LYS B 324 18.46 24.15 -38.38
N ILE B 325 17.40 23.72 -37.67
CA ILE B 325 17.51 22.62 -36.73
C ILE B 325 17.78 21.30 -37.48
N ALA B 326 17.06 21.05 -38.54
CA ALA B 326 17.26 19.82 -39.26
C ALA B 326 18.70 19.72 -39.77
N THR B 327 19.18 20.83 -40.31
CA THR B 327 20.55 20.95 -40.77
C THR B 327 21.55 20.53 -39.64
N LEU B 328 21.29 21.02 -38.42
CA LEU B 328 22.21 20.75 -37.32
C LEU B 328 22.23 19.26 -36.96
N MET B 329 21.05 18.66 -37.02
CA MET B 329 20.88 17.26 -36.71
C MET B 329 21.72 16.42 -37.68
N LYS B 330 21.59 16.69 -38.98
CA LYS B 330 22.46 16.04 -39.98
C LYS B 330 23.94 16.19 -39.62
N SER B 331 24.36 17.38 -39.19
CA SER B 331 25.76 17.60 -38.86
C SER B 331 26.13 16.61 -37.75
N VAL B 332 25.43 16.72 -36.62
CA VAL B 332 25.63 15.85 -35.46
C VAL B 332 25.60 14.36 -35.81
N SER B 333 24.56 13.97 -36.56
CA SER B 333 24.37 12.57 -36.98
C SER B 333 25.55 12.11 -37.78
N THR B 334 25.96 12.92 -38.75
CA THR B 334 27.15 12.64 -39.58
C THR B 334 28.41 12.48 -38.74
N SER B 335 28.56 13.28 -37.70
CA SER B 335 29.75 13.22 -36.90
C SER B 335 29.90 11.87 -36.18
N LEU B 336 28.80 11.39 -35.61
CA LEU B 336 28.74 10.11 -34.91
C LEU B 336 28.77 8.91 -35.86
N GLU B 337 28.32 9.14 -37.09
CA GLU B 337 28.38 8.11 -38.11
C GLU B 337 29.81 7.77 -38.45
N LYS B 338 30.66 8.79 -38.51
CA LYS B 338 32.08 8.61 -38.80
C LYS B 338 32.89 8.42 -37.51
N LYS B 339 32.20 7.95 -36.46
CA LYS B 339 32.78 7.66 -35.14
C LYS B 339 33.56 8.80 -34.46
N GLY B 340 33.14 10.04 -34.75
CA GLY B 340 33.58 11.23 -34.05
C GLY B 340 32.64 11.64 -32.92
N HIS B 341 32.72 12.91 -32.49
CA HIS B 341 32.00 13.36 -31.28
C HIS B 341 31.33 14.74 -31.40
N VAL B 342 30.54 15.07 -30.40
CA VAL B 342 29.71 16.26 -30.46
C VAL B 342 29.84 16.95 -29.14
N TYR B 343 30.20 18.22 -29.19
CA TYR B 343 30.40 18.99 -27.98
C TYR B 343 29.29 20.02 -27.98
N LEU B 344 28.62 20.14 -26.85
CA LEU B 344 27.60 21.15 -26.66
C LEU B 344 28.18 22.07 -25.63
N VAL B 345 28.84 23.10 -26.14
CA VAL B 345 29.48 24.10 -25.29
C VAL B 345 28.47 25.18 -25.05
N GLY B 346 28.21 25.46 -23.77
CA GLY B 346 27.21 26.43 -23.45
C GLY B 346 27.43 27.13 -22.13
N TRP B 347 26.80 28.32 -22.03
CA TRP B 347 27.05 29.25 -20.93
C TRP B 347 25.90 29.26 -19.99
N GLN B 348 26.19 29.66 -18.77
CA GLN B 348 25.18 29.66 -17.72
C GLN B 348 24.29 28.39 -17.82
N THR B 349 23.06 28.56 -17.40
CA THR B 349 22.05 27.53 -17.37
C THR B 349 21.81 26.79 -18.70
N LEU B 350 22.06 27.43 -19.83
CA LEU B 350 21.95 26.70 -21.08
C LEU B 350 23.08 25.65 -21.23
N GLY B 351 24.22 25.91 -20.60
CA GLY B 351 25.27 24.89 -20.49
C GLY B 351 24.77 23.66 -19.72
N ILE B 352 24.27 23.90 -18.51
CA ILE B 352 23.70 22.84 -17.69
C ILE B 352 22.70 21.93 -18.42
N ILE B 353 21.84 22.53 -19.23
CA ILE B 353 20.86 21.79 -20.03
C ILE B 353 21.53 20.96 -21.10
N ALA B 354 22.61 21.49 -21.66
CA ALA B 354 23.47 20.75 -22.61
C ALA B 354 24.17 19.54 -21.96
N ILE B 355 24.59 19.68 -20.71
CA ILE B 355 25.16 18.56 -19.97
C ILE B 355 24.10 17.50 -19.77
N MET B 356 22.88 17.94 -19.45
CA MET B 356 21.79 17.00 -19.23
C MET B 356 21.31 16.37 -20.51
N ASP B 357 21.29 17.10 -21.61
CA ASP B 357 20.90 16.40 -22.83
C ASP B 357 21.86 15.23 -23.11
N GLY B 358 23.16 15.51 -23.09
CA GLY B 358 24.14 14.56 -23.58
C GLY B 358 24.24 13.32 -22.71
N VAL B 359 24.16 13.52 -21.39
CA VAL B 359 24.16 12.45 -20.40
C VAL B 359 22.95 11.53 -20.57
N GLU B 360 21.82 12.12 -20.95
CA GLU B 360 20.63 11.32 -21.14
C GLU B 360 20.77 10.45 -22.37
N CYS B 361 21.65 10.83 -23.27
CA CYS B 361 21.90 10.02 -24.47
C CYS B 361 22.53 8.70 -24.10
N ILE B 362 23.15 8.65 -22.91
CA ILE B 362 23.86 7.46 -22.52
C ILE B 362 22.85 6.34 -22.38
N HIS B 363 21.89 6.51 -21.49
CA HIS B 363 20.88 5.48 -21.31
C HIS B 363 19.83 5.42 -22.42
N THR B 364 19.45 6.56 -22.98
CA THR B 364 18.44 6.54 -24.03
C THR B 364 18.91 5.83 -25.33
N PHE B 365 20.18 5.96 -25.69
CA PHE B 365 20.64 5.45 -26.99
C PHE B 365 21.79 4.47 -26.90
N GLY B 366 22.21 4.17 -25.67
CA GLY B 366 23.39 3.37 -25.48
C GLY B 366 24.65 4.07 -25.94
N ALA B 367 24.59 5.38 -26.03
CA ALA B 367 25.72 6.14 -26.51
C ALA B 367 26.80 6.14 -25.47
N ASP B 368 28.06 6.31 -25.92
CA ASP B 368 29.18 6.53 -25.01
C ASP B 368 29.12 7.97 -24.56
N PHE B 369 29.57 8.19 -23.34
CA PHE B 369 29.54 9.47 -22.70
C PHE B 369 30.05 10.65 -23.54
N ARG B 370 31.09 10.38 -24.30
CA ARG B 370 31.70 11.41 -25.13
C ARG B 370 30.98 11.65 -26.46
N ASP B 371 30.02 10.79 -26.80
CA ASP B 371 29.29 10.88 -28.07
C ASP B 371 28.57 12.23 -28.22
N VAL B 372 27.72 12.54 -27.24
CA VAL B 372 27.07 13.84 -27.17
C VAL B 372 27.31 14.35 -25.75
N ARG B 373 28.14 15.37 -25.69
CA ARG B 373 28.72 15.74 -24.46
C ARG B 373 28.59 17.23 -24.25
N GLY B 374 28.12 17.62 -23.06
CA GLY B 374 27.86 19.00 -22.75
C GLY B 374 28.92 19.55 -21.85
N PHE B 375 29.18 20.86 -21.94
CA PHE B 375 30.14 21.56 -21.10
C PHE B 375 29.55 22.89 -20.72
N LEU B 376 29.73 23.26 -19.46
CA LEU B 376 29.36 24.57 -18.97
C LEU B 376 30.61 25.44 -18.88
N ILE B 377 30.69 26.48 -19.71
CA ILE B 377 31.85 27.40 -19.74
C ILE B 377 31.71 28.53 -18.74
N GLY B 378 32.58 28.59 -17.73
CA GLY B 378 32.52 29.59 -16.66
C GLY B 378 31.83 29.10 -15.40
N GLN B 393 32.99 16.07 -10.56
CA GLN B 393 33.07 14.62 -10.31
C GLN B 393 32.49 13.81 -11.49
N GLY B 394 32.94 12.55 -11.63
CA GLY B 394 32.70 11.75 -12.82
C GLY B 394 33.66 12.30 -13.86
N PRO B 395 33.20 12.49 -15.10
CA PRO B 395 33.91 13.37 -16.00
C PRO B 395 33.81 14.83 -15.57
N GLN B 396 34.70 15.68 -16.07
CA GLN B 396 34.62 17.10 -15.76
C GLN B 396 33.53 17.72 -16.62
N PHE B 397 32.67 18.53 -15.98
CA PHE B 397 31.58 19.21 -16.70
C PHE B 397 31.69 20.76 -16.69
N THR B 398 32.31 21.35 -15.65
CA THR B 398 32.55 22.80 -15.59
C THR B 398 34.00 23.26 -15.91
N PHE B 399 34.22 23.75 -17.14
CA PHE B 399 35.49 24.31 -17.58
C PHE B 399 35.60 25.85 -17.69
N SER B 400 36.55 26.47 -17.00
CA SER B 400 36.91 27.88 -17.28
C SER B 400 37.40 28.00 -18.74
N GLN B 401 37.52 29.23 -19.24
CA GLN B 401 37.92 29.46 -20.66
C GLN B 401 39.20 28.70 -20.99
N GLU B 402 40.20 28.90 -20.11
CA GLU B 402 41.55 28.42 -20.36
C GLU B 402 41.56 26.90 -20.16
N ASP B 403 41.00 26.47 -19.03
CA ASP B 403 40.82 25.05 -18.73
C ASP B 403 40.27 24.29 -19.94
N PHE B 404 39.30 24.89 -20.62
CA PHE B 404 38.70 24.28 -21.81
C PHE B 404 39.71 24.22 -22.95
N LEU B 405 40.23 25.40 -23.32
CA LEU B 405 41.17 25.52 -24.47
C LEU B 405 42.41 24.60 -24.39
N THR B 406 42.92 24.38 -23.18
CA THR B 406 44.07 23.53 -22.96
C THR B 406 43.70 22.05 -22.98
N SER B 407 42.64 21.72 -22.24
CA SER B 407 42.30 20.34 -21.88
C SER B 407 41.46 19.64 -22.94
N ILE B 408 40.64 20.40 -23.67
CA ILE B 408 39.59 19.86 -24.50
C ILE B 408 39.83 20.12 -26.00
N LEU B 409 40.27 21.33 -26.33
CA LEU B 409 40.49 21.67 -27.74
C LEU B 409 41.36 20.63 -28.51
N PRO B 410 42.51 20.20 -27.95
CA PRO B 410 43.40 19.23 -28.63
C PRO B 410 42.70 17.97 -29.17
N SER B 411 41.75 17.43 -28.40
CA SER B 411 41.00 16.23 -28.82
C SER B 411 40.21 16.31 -30.14
N LEU B 412 39.95 17.49 -30.67
CA LEU B 412 39.04 17.64 -31.80
C LEU B 412 39.67 17.30 -33.17
N THR B 413 38.85 16.72 -34.04
CA THR B 413 39.20 16.41 -35.43
C THR B 413 38.29 17.27 -36.28
N GLU B 414 38.37 17.11 -37.60
CA GLU B 414 37.51 17.89 -38.49
C GLU B 414 36.21 17.18 -38.86
N ILE B 415 36.00 15.98 -38.33
CA ILE B 415 34.69 15.33 -38.43
C ILE B 415 33.77 15.75 -37.26
N ASP B 416 34.37 16.13 -36.12
CA ASP B 416 33.62 16.47 -34.92
C ASP B 416 32.69 17.67 -35.12
N THR B 417 31.50 17.62 -34.51
CA THR B 417 30.56 18.76 -34.43
C THR B 417 30.57 19.46 -33.05
N VAL B 418 30.69 20.80 -33.04
CA VAL B 418 30.62 21.62 -31.81
C VAL B 418 29.46 22.63 -31.88
N VAL B 419 28.66 22.71 -30.82
CA VAL B 419 27.51 23.61 -30.79
C VAL B 419 27.65 24.61 -29.64
N PHE B 420 27.34 25.87 -29.95
CA PHE B 420 27.55 26.94 -29.00
C PHE B 420 26.21 27.48 -28.60
N ILE B 421 25.94 27.43 -27.30
CA ILE B 421 24.65 27.83 -26.79
C ILE B 421 24.80 28.98 -25.85
N PHE B 422 24.25 30.15 -26.22
CA PHE B 422 24.38 31.37 -25.41
C PHE B 422 23.29 32.41 -25.74
N THR B 423 23.20 33.39 -24.85
CA THR B 423 22.35 34.55 -24.97
C THR B 423 23.28 35.72 -25.29
N LEU B 424 22.73 36.82 -25.81
CA LEU B 424 23.58 38.02 -26.04
C LEU B 424 23.84 38.79 -24.76
N ASP B 425 23.32 38.32 -23.62
CA ASP B 425 23.69 38.91 -22.32
C ASP B 425 24.88 38.20 -21.65
N ASP B 426 25.50 37.29 -22.36
CA ASP B 426 26.61 36.57 -21.76
C ASP B 426 27.89 37.34 -22.02
N ASN B 427 28.91 36.91 -21.29
CA ASN B 427 30.31 37.20 -21.59
C ASN B 427 30.65 36.83 -23.06
N LEU B 428 30.14 37.62 -24.00
CA LEU B 428 30.38 37.40 -25.43
C LEU B 428 31.82 37.48 -25.90
N THR B 429 32.74 37.98 -25.07
CA THR B 429 34.16 37.98 -25.44
C THR B 429 34.63 36.52 -25.50
N GLU B 430 34.70 35.94 -24.30
CA GLU B 430 34.67 34.49 -24.02
C GLU B 430 34.04 33.55 -25.08
N VAL B 431 32.84 33.88 -25.57
CA VAL B 431 32.27 33.13 -26.70
C VAL B 431 33.17 33.24 -27.93
N GLN B 432 33.38 34.43 -28.48
CA GLN B 432 34.23 34.52 -29.68
C GLN B 432 35.64 33.94 -29.50
N THR B 433 36.23 34.09 -28.32
CA THR B 433 37.55 33.49 -28.05
C THR B 433 37.49 32.01 -28.45
N ILE B 434 36.63 31.29 -27.74
CA ILE B 434 36.63 29.82 -27.71
C ILE B 434 36.20 29.25 -29.06
N VAL B 435 35.34 29.97 -29.78
CA VAL B 435 34.95 29.52 -31.10
C VAL B 435 36.02 29.87 -32.12
N GLU B 436 36.76 30.94 -31.86
CA GLU B 436 37.81 31.36 -32.78
C GLU B 436 38.81 30.22 -32.91
N GLN B 437 39.30 29.74 -31.77
CA GLN B 437 40.29 28.64 -31.77
C GLN B 437 39.70 27.29 -32.20
N VAL B 438 38.48 26.97 -31.75
CA VAL B 438 37.79 25.74 -32.17
C VAL B 438 37.71 25.68 -33.68
N LYS B 439 37.45 26.83 -34.31
CA LYS B 439 37.22 26.90 -35.76
C LYS B 439 38.44 26.44 -36.57
N GLU B 440 39.63 26.51 -35.98
CA GLU B 440 40.85 26.03 -36.66
C GLU B 440 40.91 24.49 -36.83
N LYS B 441 40.13 23.78 -36.02
CA LYS B 441 40.11 22.32 -35.99
C LYS B 441 39.01 21.71 -36.88
N THR B 442 37.87 22.39 -36.97
CA THR B 442 36.71 21.84 -37.69
C THR B 442 35.76 22.91 -38.26
N ASN B 443 35.19 22.64 -39.44
CA ASN B 443 34.23 23.56 -40.09
C ASN B 443 32.79 23.25 -39.73
N HIS B 444 32.59 22.19 -38.94
CA HIS B 444 31.27 21.79 -38.46
C HIS B 444 30.99 22.46 -37.10
N ILE B 445 30.72 23.76 -37.15
CA ILE B 445 30.14 24.46 -36.03
C ILE B 445 28.82 25.04 -36.52
N GLN B 446 28.02 25.50 -35.57
CA GLN B 446 26.63 25.96 -35.79
C GLN B 446 26.42 26.69 -34.45
N ALA B 447 25.33 27.43 -34.26
CA ALA B 447 25.13 28.07 -32.95
C ALA B 447 23.71 28.41 -32.59
N LEU B 448 23.48 28.55 -31.28
CA LEU B 448 22.15 28.78 -30.71
C LEU B 448 22.20 29.95 -29.75
N ALA B 449 21.69 31.08 -30.24
CA ALA B 449 21.88 32.35 -29.58
C ALA B 449 20.54 33.00 -29.36
N HIS B 450 20.26 33.29 -28.09
CA HIS B 450 19.02 33.94 -27.70
C HIS B 450 19.21 35.43 -27.46
N SER B 451 18.34 36.22 -28.09
CA SER B 451 18.43 37.69 -28.08
C SER B 451 17.05 38.25 -27.82
N THR B 452 16.97 39.39 -27.15
CA THR B 452 15.74 40.19 -27.21
C THR B 452 15.80 40.91 -28.56
N VAL B 453 14.64 41.08 -29.22
CA VAL B 453 14.61 41.81 -30.49
C VAL B 453 15.23 43.21 -30.29
N GLY B 454 16.16 43.55 -31.19
CA GLY B 454 16.95 44.76 -31.11
C GLY B 454 18.17 44.59 -30.23
N GLN B 455 18.86 43.47 -30.39
CA GLN B 455 20.22 43.28 -29.87
C GLN B 455 20.99 42.80 -31.07
N THR B 456 22.27 43.13 -31.16
CA THR B 456 22.99 42.88 -32.41
C THR B 456 24.10 41.82 -32.24
N LEU B 457 24.31 41.03 -33.30
CA LEU B 457 25.29 39.95 -33.26
C LEU B 457 26.67 40.43 -33.76
N PRO B 458 27.60 40.79 -32.83
CA PRO B 458 28.88 41.40 -33.25
C PRO B 458 29.53 40.64 -34.40
N ILE B 459 29.97 41.34 -35.45
CA ILE B 459 30.74 40.69 -36.55
C ILE B 459 31.96 39.96 -35.97
N PRO B 460 32.37 38.85 -36.61
CA PRO B 460 32.77 37.59 -35.96
C PRO B 460 32.88 37.76 -34.44
N LEU B 461 31.94 37.26 -33.63
CA LEU B 461 30.93 36.20 -33.93
C LEU B 461 30.25 36.04 -35.31
N LYS B 462 29.44 37.00 -35.71
CA LYS B 462 28.54 36.84 -36.86
C LYS B 462 29.15 36.27 -38.15
N LYS B 463 30.40 36.63 -38.51
CA LYS B 463 31.04 36.05 -39.73
C LYS B 463 31.55 34.64 -39.47
N LEU B 464 31.71 34.27 -38.20
CA LEU B 464 31.98 32.88 -37.83
C LEU B 464 30.74 32.00 -38.04
N PHE B 465 29.58 32.44 -37.55
CA PHE B 465 28.35 31.67 -37.68
C PHE B 465 27.51 32.26 -38.81
N PRO B 466 27.71 31.81 -40.07
CA PRO B 466 26.92 32.39 -41.15
C PRO B 466 25.42 32.18 -40.94
N SER B 467 24.98 30.92 -40.93
CA SER B 467 23.56 30.58 -40.75
C SER B 467 23.30 30.04 -39.34
N ILE B 468 23.73 30.84 -38.36
CA ILE B 468 23.40 30.69 -36.93
C ILE B 468 21.91 30.53 -36.62
N ILE B 469 21.60 29.58 -35.76
CA ILE B 469 20.23 29.40 -35.32
C ILE B 469 19.92 30.40 -34.21
N SER B 470 19.49 31.58 -34.64
CA SER B 470 19.24 32.66 -33.71
C SER B 470 17.79 32.58 -33.28
N ILE B 471 17.57 32.65 -31.97
CA ILE B 471 16.25 32.67 -31.40
C ILE B 471 16.11 34.06 -30.78
N THR B 472 15.60 34.96 -31.60
CA THR B 472 15.36 36.35 -31.21
C THR B 472 13.97 36.50 -30.53
N TRP B 473 13.93 36.96 -29.29
CA TRP B 473 12.70 36.96 -28.49
C TRP B 473 12.04 38.32 -28.43
N PRO B 474 10.85 38.45 -29.03
CA PRO B 474 10.03 39.64 -28.77
C PRO B 474 10.01 40.06 -27.30
N LEU B 475 10.07 41.37 -27.03
CA LEU B 475 10.15 41.93 -25.67
C LEU B 475 8.84 41.79 -24.92
N LEU B 476 8.89 41.96 -23.61
CA LEU B 476 7.78 41.60 -22.73
C LEU B 476 7.97 42.21 -21.37
N PHE B 477 6.88 42.43 -20.64
CA PHE B 477 6.99 43.00 -19.31
C PHE B 477 7.42 41.90 -18.35
N PHE B 478 8.42 42.20 -17.53
CA PHE B 478 8.79 41.35 -16.41
C PHE B 478 8.72 42.14 -15.10
N GLU B 479 8.24 41.48 -14.05
CA GLU B 479 8.13 42.11 -12.75
C GLU B 479 9.48 42.15 -12.04
N TYR B 480 10.10 40.98 -11.87
CA TYR B 480 11.32 40.83 -11.07
C TYR B 480 12.63 41.12 -11.83
N GLU B 481 13.69 41.43 -11.08
CA GLU B 481 14.95 42.03 -11.62
C GLU B 481 15.75 41.19 -12.65
N GLY B 482 15.71 39.87 -12.49
CA GLY B 482 16.48 38.95 -13.35
C GLY B 482 15.66 38.29 -14.45
N ASN B 483 14.43 38.76 -14.63
CA ASN B 483 13.61 38.40 -15.80
C ASN B 483 13.39 36.88 -15.92
N PHE B 484 12.82 36.29 -14.86
CA PHE B 484 12.69 34.85 -14.74
C PHE B 484 11.84 34.21 -15.85
N ILE B 485 10.80 34.92 -16.24
CA ILE B 485 9.97 34.54 -17.36
C ILE B 485 10.73 34.51 -18.67
N GLN B 486 11.91 35.13 -18.75
CA GLN B 486 12.73 35.04 -19.96
C GLN B 486 13.81 33.94 -19.87
N LYS B 487 14.20 33.63 -18.64
CA LYS B 487 15.01 32.46 -18.38
C LYS B 487 14.22 31.25 -18.88
N PHE B 488 13.03 31.04 -18.32
CA PHE B 488 12.28 29.85 -18.62
C PHE B 488 12.10 29.65 -20.12
N GLN B 489 11.71 30.72 -20.81
CA GLN B 489 11.57 30.67 -22.26
C GLN B 489 12.77 30.13 -22.96
N ARG B 490 13.93 30.64 -22.54
CA ARG B 490 15.21 30.28 -23.16
C ARG B 490 15.66 28.88 -22.76
N GLU B 491 15.51 28.54 -21.47
CA GLU B 491 15.72 27.17 -20.97
C GLU B 491 14.89 26.18 -21.79
N LEU B 492 13.61 26.46 -21.92
CA LEU B 492 12.70 25.54 -22.61
C LEU B 492 12.98 25.47 -24.09
N SER B 493 13.31 26.60 -24.69
CA SER B 493 13.58 26.64 -26.12
C SER B 493 14.79 25.80 -26.40
N THR B 494 15.81 25.94 -25.56
CA THR B 494 17.07 25.21 -25.80
C THR B 494 16.83 23.72 -25.67
N LYS B 495 16.10 23.35 -24.61
CA LYS B 495 15.70 21.98 -24.38
C LYS B 495 15.05 21.38 -25.61
N TRP B 496 14.08 22.07 -26.16
CA TRP B 496 13.41 21.57 -27.38
C TRP B 496 14.41 21.36 -28.51
N VAL B 497 15.35 22.28 -28.71
CA VAL B 497 16.31 22.16 -29.83
C VAL B 497 17.24 20.97 -29.63
N LEU B 498 17.94 20.97 -28.49
CA LEU B 498 18.82 19.86 -28.11
C LEU B 498 18.17 18.45 -28.02
N ASN B 499 17.07 18.31 -27.29
CA ASN B 499 16.27 17.07 -27.35
C ASN B 499 16.02 16.60 -28.81
N THR B 500 15.54 17.52 -29.67
CA THR B 500 15.19 17.11 -31.02
C THR B 500 16.40 16.66 -31.74
N VAL B 501 17.47 17.43 -31.58
CA VAL B 501 18.73 17.21 -32.33
C VAL B 501 19.31 15.83 -32.00
N SER B 502 19.51 15.58 -30.70
CA SER B 502 20.07 14.30 -30.23
C SER B 502 19.19 13.13 -30.64
N THR B 503 17.93 13.25 -30.30
CA THR B 503 17.01 12.20 -30.58
C THR B 503 17.03 11.93 -32.08
N GLY B 504 16.99 12.99 -32.89
CA GLY B 504 16.95 12.82 -34.36
C GLY B 504 18.24 12.25 -34.91
N ALA B 505 19.37 12.73 -34.40
CA ALA B 505 20.66 12.25 -34.84
C ALA B 505 20.75 10.74 -34.66
N HIS B 506 20.30 10.21 -33.52
CA HIS B 506 20.38 8.77 -33.29
C HIS B 506 19.36 7.98 -34.09
N VAL B 507 18.21 8.58 -34.38
CA VAL B 507 17.24 7.95 -35.29
C VAL B 507 17.83 7.85 -36.69
N LEU B 508 18.38 8.95 -37.19
CA LEU B 508 18.98 8.92 -38.51
C LEU B 508 20.04 7.84 -38.61
N LEU B 509 20.76 7.62 -37.51
CA LEU B 509 21.78 6.55 -37.46
C LEU B 509 21.24 5.13 -37.53
N GLY B 510 19.93 4.92 -37.39
CA GLY B 510 19.32 3.59 -37.49
C GLY B 510 19.03 2.99 -36.13
N LYS B 511 19.38 3.70 -35.05
CA LYS B 511 19.27 3.11 -33.69
C LYS B 511 17.85 2.83 -33.22
N ILE B 512 16.86 3.43 -33.89
CA ILE B 512 15.46 3.37 -33.47
C ILE B 512 14.62 2.48 -34.42
N LEU B 513 13.74 1.69 -33.82
CA LEU B 513 12.89 0.75 -34.50
C LEU B 513 11.42 1.24 -34.46
N GLN B 514 10.93 1.68 -35.62
CA GLN B 514 9.67 2.44 -35.75
C GLN B 514 9.69 3.72 -34.89
N ASN B 515 9.15 3.66 -33.68
CA ASN B 515 9.34 4.70 -32.70
C ASN B 515 9.70 4.11 -31.33
N HIS B 516 10.41 2.99 -31.34
CA HIS B 516 10.91 2.37 -30.09
C HIS B 516 12.45 2.26 -30.07
N MET B 517 13.00 2.32 -28.85
CA MET B 517 14.35 1.87 -28.62
C MET B 517 14.23 0.44 -28.16
N LEU B 518 14.49 -0.49 -29.07
CA LEU B 518 14.43 -1.88 -28.72
C LEU B 518 15.58 -2.21 -27.79
N ASP B 519 16.76 -1.78 -28.19
CA ASP B 519 17.97 -2.29 -27.64
C ASP B 519 18.44 -1.46 -26.49
N LEU B 520 17.61 -1.36 -25.46
CA LEU B 520 17.91 -0.54 -24.26
C LEU B 520 18.52 -1.34 -23.14
N ARG B 521 19.13 -0.66 -22.19
CA ARG B 521 19.84 -1.29 -21.09
C ARG B 521 18.88 -1.41 -19.96
N ILE B 522 18.71 -2.62 -19.44
CA ILE B 522 17.66 -2.83 -18.46
C ILE B 522 18.24 -2.51 -17.12
N SER B 523 17.99 -1.28 -16.65
CA SER B 523 18.62 -0.76 -15.43
C SER B 523 17.65 -0.33 -14.31
N ASN B 524 16.34 -0.41 -14.53
CA ASN B 524 15.36 -0.35 -13.39
C ASN B 524 14.13 -1.20 -13.70
N SER B 525 13.18 -1.28 -12.80
CA SER B 525 12.00 -2.12 -13.06
C SER B 525 11.17 -1.64 -14.24
N LYS B 526 11.15 -0.35 -14.51
CA LYS B 526 10.32 0.16 -15.59
C LYS B 526 10.92 -0.25 -16.89
N LEU B 527 12.24 -0.17 -16.99
CA LEU B 527 12.90 -0.54 -18.24
C LEU B 527 12.77 -2.04 -18.47
N PHE B 528 12.77 -2.79 -17.38
CA PHE B 528 12.42 -4.20 -17.44
C PHE B 528 11.01 -4.40 -18.03
N TRP B 529 9.98 -3.78 -17.45
CA TRP B 529 8.65 -4.03 -17.98
C TRP B 529 8.53 -3.61 -19.44
N ARG B 530 9.33 -2.61 -19.86
CA ARG B 530 9.31 -2.12 -21.23
C ARG B 530 10.02 -3.12 -22.18
N ALA B 531 11.13 -3.69 -21.77
CA ALA B 531 11.69 -4.76 -22.59
C ALA B 531 10.61 -5.84 -22.82
N LEU B 532 10.13 -6.46 -21.74
CA LEU B 532 9.03 -7.43 -21.87
C LEU B 532 7.89 -6.87 -22.76
N ALA B 533 7.40 -5.69 -22.48
CA ALA B 533 6.35 -5.18 -23.33
C ALA B 533 6.70 -5.12 -24.84
N MET B 534 7.95 -4.84 -25.18
CA MET B 534 8.37 -4.74 -26.61
C MET B 534 8.53 -6.13 -27.24
N LEU B 535 8.96 -7.09 -26.44
CA LEU B 535 9.02 -8.47 -26.87
C LEU B 535 7.65 -8.93 -27.28
N GLN B 536 6.66 -8.63 -26.48
CA GLN B 536 5.29 -9.03 -26.78
C GLN B 536 4.71 -8.44 -28.06
N ARG B 537 4.89 -7.14 -28.29
CA ARG B 537 4.33 -6.53 -29.49
C ARG B 537 5.12 -6.93 -30.72
N PHE B 538 6.43 -6.99 -30.63
CA PHE B 538 7.22 -7.24 -31.83
C PHE B 538 7.17 -8.69 -32.26
N SER B 539 7.09 -9.61 -31.27
CA SER B 539 7.09 -11.06 -31.54
C SER B 539 5.67 -11.60 -31.76
N GLY B 540 4.71 -10.99 -31.09
CA GLY B 540 3.33 -11.43 -31.14
C GLY B 540 2.97 -12.59 -30.21
N GLN B 541 3.93 -13.01 -29.38
CA GLN B 541 3.79 -14.25 -28.61
C GLN B 541 3.39 -14.10 -27.13
N SER B 542 2.84 -15.17 -26.59
CA SER B 542 2.45 -15.26 -25.19
C SER B 542 3.46 -14.60 -24.27
N LYS B 543 2.96 -14.09 -23.14
CA LYS B 543 3.82 -13.51 -22.13
C LYS B 543 4.67 -14.54 -21.43
N ALA B 544 4.26 -15.80 -21.44
CA ALA B 544 5.09 -16.83 -20.84
C ALA B 544 6.36 -17.06 -21.67
N ARG B 545 6.20 -17.10 -23.00
CA ARG B 545 7.34 -17.35 -23.87
C ARG B 545 8.24 -16.14 -23.92
N CYS B 546 7.62 -14.95 -23.92
CA CYS B 546 8.34 -13.69 -23.86
C CYS B 546 9.12 -13.57 -22.56
N ILE B 547 8.49 -13.86 -21.43
CA ILE B 547 9.20 -13.75 -20.16
C ILE B 547 10.33 -14.74 -20.11
N GLU B 548 10.06 -16.00 -20.45
CA GLU B 548 11.09 -17.05 -20.44
C GLU B 548 12.27 -16.71 -21.32
N SER B 549 11.99 -16.15 -22.49
CA SER B 549 13.07 -15.74 -23.34
C SER B 549 13.89 -14.62 -22.76
N LEU B 550 13.25 -13.59 -22.21
CA LEU B 550 13.98 -12.50 -21.60
C LEU B 550 14.87 -13.00 -20.47
N LEU B 551 14.30 -13.79 -19.58
CA LEU B 551 15.02 -14.15 -18.35
C LEU B 551 16.19 -15.05 -18.67
N ARG B 552 16.07 -15.78 -19.77
CA ARG B 552 17.13 -16.64 -20.27
C ARG B 552 18.23 -15.81 -20.86
N ALA B 553 17.88 -14.87 -21.72
CA ALA B 553 18.86 -13.96 -22.28
C ALA B 553 19.61 -13.17 -21.18
N ILE B 554 18.88 -12.76 -20.14
CA ILE B 554 19.48 -12.03 -19.04
C ILE B 554 20.47 -12.90 -18.32
N HIS B 555 20.05 -14.11 -18.02
CA HIS B 555 20.81 -14.97 -17.11
C HIS B 555 21.76 -16.00 -17.73
N PHE B 556 21.79 -16.08 -19.06
CA PHE B 556 22.75 -16.95 -19.77
C PHE B 556 24.15 -16.69 -19.26
N PRO B 557 24.95 -17.73 -19.04
CA PRO B 557 24.74 -19.17 -19.24
C PRO B 557 23.95 -19.90 -18.13
N GLN B 558 23.47 -19.20 -17.10
CA GLN B 558 22.57 -19.84 -16.13
C GLN B 558 21.28 -20.27 -16.81
N PRO B 559 20.82 -21.49 -16.51
CA PRO B 559 19.51 -21.93 -17.01
C PRO B 559 18.43 -21.46 -16.04
N LEU B 560 17.20 -21.36 -16.53
CA LEU B 560 16.07 -20.95 -15.69
C LEU B 560 15.83 -21.90 -14.53
N SER B 561 16.18 -21.52 -13.32
CA SER B 561 15.70 -22.27 -12.17
C SER B 561 14.39 -21.71 -11.68
N ASP B 562 13.79 -22.41 -10.73
CA ASP B 562 12.62 -21.91 -10.03
C ASP B 562 13.03 -20.64 -9.33
N ASP B 563 14.16 -20.69 -8.64
CA ASP B 563 14.60 -19.51 -7.90
C ASP B 563 14.66 -18.26 -8.80
N ILE B 564 15.14 -18.44 -10.03
CA ILE B 564 15.21 -17.32 -10.96
C ILE B 564 13.81 -16.91 -11.35
N ARG B 565 13.02 -17.83 -11.87
CA ARG B 565 11.67 -17.48 -12.23
C ARG B 565 11.03 -16.63 -11.13
N ALA B 566 11.15 -17.10 -9.90
CA ALA B 566 10.48 -16.52 -8.75
C ALA B 566 11.16 -15.27 -8.14
N ALA B 567 12.37 -14.97 -8.58
CA ALA B 567 13.19 -13.89 -8.01
C ALA B 567 12.57 -12.55 -8.25
N PRO B 568 12.87 -11.58 -7.37
CA PRO B 568 12.33 -10.24 -7.52
C PRO B 568 12.98 -9.56 -8.70
N ILE B 569 12.25 -8.63 -9.32
CA ILE B 569 12.75 -7.93 -10.51
C ILE B 569 14.11 -7.29 -10.34
N SER B 570 14.45 -6.77 -9.17
CA SER B 570 15.83 -6.23 -9.05
C SER B 570 16.90 -7.24 -9.36
N CYS B 571 16.69 -8.52 -9.02
CA CYS B 571 17.69 -9.56 -9.38
C CYS B 571 17.94 -9.55 -10.92
N HIS B 572 16.87 -9.51 -11.72
CA HIS B 572 17.07 -9.53 -13.16
C HIS B 572 17.71 -8.19 -13.60
N VAL B 573 17.28 -7.10 -13.00
CA VAL B 573 17.85 -5.81 -13.32
C VAL B 573 19.36 -5.80 -13.03
N GLN B 574 19.76 -6.22 -11.83
CA GLN B 574 21.19 -6.23 -11.50
C GLN B 574 22.01 -6.93 -12.58
N VAL B 575 21.56 -8.12 -12.98
CA VAL B 575 22.29 -8.94 -13.95
C VAL B 575 22.21 -8.39 -15.38
N ALA B 576 21.03 -7.92 -15.78
CA ALA B 576 20.81 -7.39 -17.12
C ALA B 576 21.62 -6.16 -17.39
N HIS B 577 21.62 -5.28 -16.40
CA HIS B 577 22.30 -3.99 -16.49
C HIS B 577 23.75 -4.09 -16.93
N GLU B 578 24.40 -5.22 -16.65
CA GLU B 578 25.82 -5.38 -16.93
C GLU B 578 26.09 -5.92 -18.30
N LYS B 579 25.08 -6.20 -19.10
CA LYS B 579 25.26 -7.01 -20.33
C LYS B 579 24.92 -6.22 -21.59
N GLU B 580 25.10 -6.86 -22.73
CA GLU B 580 24.81 -6.22 -24.00
C GLU B 580 23.80 -7.02 -24.87
N GLN B 581 23.00 -6.26 -25.61
CA GLN B 581 21.98 -6.81 -26.50
C GLN B 581 20.99 -7.75 -25.86
N VAL B 582 20.72 -7.61 -24.58
CA VAL B 582 19.84 -8.55 -23.91
C VAL B 582 18.46 -8.66 -24.62
N ILE B 583 17.94 -7.52 -25.03
CA ILE B 583 16.62 -7.51 -25.56
C ILE B 583 16.66 -8.04 -26.96
N PRO B 584 17.63 -7.61 -27.77
CA PRO B 584 17.65 -8.21 -29.14
C PRO B 584 17.83 -9.73 -29.14
N ILE B 585 18.73 -10.26 -28.31
CA ILE B 585 18.88 -11.71 -28.19
C ILE B 585 17.60 -12.41 -27.75
N ALA B 586 16.96 -11.87 -26.72
CA ALA B 586 15.67 -12.35 -26.27
C ALA B 586 14.62 -12.37 -27.39
N LEU B 587 14.63 -11.39 -28.28
CA LEU B 587 13.65 -11.31 -29.38
C LEU B 587 14.00 -12.28 -30.51
N LEU B 588 15.29 -12.44 -30.80
CA LEU B 588 15.73 -13.33 -31.86
C LEU B 588 15.37 -14.78 -31.53
N SER B 589 15.77 -15.21 -30.34
CA SER B 589 15.29 -16.45 -29.72
C SER B 589 13.79 -16.70 -29.91
N LEU B 590 12.98 -15.66 -29.73
CA LEU B 590 11.56 -15.79 -29.89
C LEU B 590 11.17 -15.94 -31.33
N LEU B 591 11.73 -15.10 -32.19
CA LEU B 591 11.41 -15.12 -33.62
C LEU B 591 11.87 -16.42 -34.29
N PHE B 592 13.10 -16.84 -34.06
CA PHE B 592 13.54 -18.13 -34.60
C PHE B 592 13.06 -19.39 -33.85
N ARG B 593 12.19 -19.26 -32.85
CA ARG B 593 11.80 -20.44 -32.08
C ARG B 593 13.03 -21.23 -31.69
N CYS B 594 14.05 -20.50 -31.26
CA CYS B 594 15.39 -21.02 -31.06
C CYS B 594 15.96 -20.65 -29.68
N SER B 595 17.19 -21.06 -29.38
CA SER B 595 17.76 -20.92 -28.05
C SER B 595 18.77 -19.78 -27.97
N ILE B 596 19.11 -19.41 -26.73
CA ILE B 596 20.08 -18.34 -26.51
C ILE B 596 21.36 -18.68 -27.28
N THR B 597 21.91 -19.86 -27.07
CA THR B 597 23.11 -20.23 -27.78
C THR B 597 22.89 -20.03 -29.29
N GLU B 598 21.80 -20.53 -29.82
CA GLU B 598 21.61 -20.37 -31.26
C GLU B 598 21.40 -18.89 -31.62
N ALA B 599 20.76 -18.16 -30.72
CA ALA B 599 20.45 -16.74 -30.95
C ALA B 599 21.73 -15.90 -30.99
N GLN B 600 22.56 -16.04 -29.96
CA GLN B 600 23.86 -15.34 -29.88
C GLN B 600 24.66 -15.52 -31.15
N ALA B 601 24.83 -16.77 -31.57
CA ALA B 601 25.63 -17.08 -32.73
C ALA B 601 25.08 -16.33 -33.94
N HIS B 602 23.76 -16.22 -34.04
CA HIS B 602 23.15 -15.55 -35.16
C HIS B 602 23.56 -14.08 -35.19
N LEU B 603 23.40 -13.42 -34.03
CA LEU B 603 23.74 -12.02 -33.84
C LEU B 603 25.17 -11.76 -34.25
N ALA B 604 26.09 -12.43 -33.55
CA ALA B 604 27.52 -12.25 -33.77
C ALA B 604 27.92 -12.48 -35.23
N ALA B 605 27.11 -13.19 -35.99
CA ALA B 605 27.38 -13.42 -37.41
C ALA B 605 26.94 -12.25 -38.30
N ALA B 606 25.79 -11.65 -38.00
CA ALA B 606 25.22 -10.62 -38.89
C ALA B 606 26.08 -9.33 -38.86
N PRO B 607 25.85 -8.40 -39.82
CA PRO B 607 26.74 -7.22 -39.84
C PRO B 607 26.62 -6.33 -38.60
N SER B 608 25.39 -5.91 -38.31
CA SER B 608 25.08 -5.01 -37.19
C SER B 608 23.86 -5.54 -36.50
N VAL B 609 23.60 -5.06 -35.29
CA VAL B 609 22.45 -5.53 -34.56
C VAL B 609 21.18 -5.11 -35.28
N CYS B 610 21.04 -3.80 -35.54
CA CYS B 610 19.88 -3.23 -36.27
C CYS B 610 19.51 -4.12 -37.49
N GLU B 611 20.49 -4.43 -38.32
CA GLU B 611 20.22 -5.22 -39.53
C GLU B 611 19.68 -6.62 -39.22
N ALA B 612 20.34 -7.33 -38.29
CA ALA B 612 19.90 -8.66 -37.84
C ALA B 612 18.46 -8.60 -37.40
N VAL B 613 18.17 -7.76 -36.41
CA VAL B 613 16.81 -7.59 -35.88
C VAL B 613 15.80 -7.32 -36.98
N ARG B 614 16.20 -6.53 -37.97
CA ARG B 614 15.27 -6.12 -39.04
C ARG B 614 14.97 -7.22 -40.08
N SER B 615 15.88 -8.19 -40.25
CA SER B 615 15.65 -9.27 -41.23
C SER B 615 14.80 -10.34 -40.61
N ALA B 616 14.98 -10.53 -39.31
CA ALA B 616 14.17 -11.45 -38.54
C ALA B 616 12.72 -10.96 -38.47
N LEU B 617 12.53 -9.66 -38.47
CA LEU B 617 11.19 -9.14 -38.36
C LEU B 617 10.40 -9.25 -39.66
N ALA B 618 11.09 -9.52 -40.77
CA ALA B 618 10.48 -9.52 -42.11
C ALA B 618 9.99 -10.91 -42.57
#